data_1X1O
#
_entry.id   1X1O
#
_cell.length_a   112.510
_cell.length_b   73.680
_cell.length_c   108.900
_cell.angle_alpha   90.00
_cell.angle_beta   90.00
_cell.angle_gamma   90.00
#
_symmetry.space_group_name_H-M   'P 21 21 2'
#
loop_
_entity.id
_entity.type
_entity.pdbx_description
1 polymer 'nicotinate-nucleotide pyrophosphorylase'
2 water water
#
_entity_poly.entity_id   1
_entity_poly.type   'polypeptide(L)'
_entity_poly.pdbx_seq_one_letter_code
;MGGVVGEALWQGGLEEALRAWLREDLGQGDLTSLLVVPEDLEGEAVILAKEGGVLAGLWVAERVFALADPRTAFTPLVAE
GARVAEGTEVARVRGPLRGILAGERLALNLLQRLSGIATLTRAYVEALAGTKAQILDTRKTTPGLRALEKYAVRVGGGRN
HRYGLFDGILLKENHVRAAGGVGEAVRRAKARAPHYLKVEVEVRSLEELEEALEAGADLILLDNFPLEALREAVRRVGGR
VPLEASGNMTLERAKAAAEAGVDYVSVGALTHSAKALDLSLLVVRP
;
_entity_poly.pdbx_strand_id   A,B,C
#
# COMPACT_ATOMS: atom_id res chain seq x y z
N TRP A 10 -13.17 -18.70 7.11
CA TRP A 10 -13.16 -17.52 6.19
C TRP A 10 -13.33 -17.97 4.74
N GLN A 11 -13.91 -17.10 3.91
CA GLN A 11 -14.14 -17.44 2.50
C GLN A 11 -12.89 -17.81 1.71
N GLY A 12 -11.93 -16.89 1.67
CA GLY A 12 -10.71 -17.15 0.93
C GLY A 12 -10.31 -15.90 0.18
N GLY A 13 -9.04 -15.81 -0.18
CA GLY A 13 -8.58 -14.64 -0.90
C GLY A 13 -7.96 -13.64 0.06
N LEU A 14 -8.32 -13.73 1.34
CA LEU A 14 -7.76 -12.82 2.33
C LEU A 14 -6.25 -12.97 2.37
N GLU A 15 -5.77 -14.21 2.34
CA GLU A 15 -4.35 -14.48 2.37
C GLU A 15 -3.66 -13.71 1.24
N GLU A 16 -4.19 -13.86 0.03
CA GLU A 16 -3.64 -13.18 -1.13
C GLU A 16 -3.73 -11.66 -1.01
N ALA A 17 -4.83 -11.17 -0.45
CA ALA A 17 -5.03 -9.74 -0.27
C ALA A 17 -4.03 -9.17 0.74
N LEU A 18 -3.82 -9.89 1.84
CA LEU A 18 -2.88 -9.42 2.85
C LEU A 18 -1.47 -9.34 2.27
N ARG A 19 -1.10 -10.33 1.45
CA ARG A 19 0.24 -10.32 0.85
C ARG A 19 0.39 -9.10 -0.04
N ALA A 20 -0.64 -8.81 -0.83
CA ALA A 20 -0.62 -7.66 -1.73
C ALA A 20 -0.53 -6.34 -0.97
N TRP A 21 -1.29 -6.23 0.13
CA TRP A 21 -1.27 -5.00 0.91
C TRP A 21 0.07 -4.82 1.63
N LEU A 22 0.70 -5.91 2.03
CA LEU A 22 1.99 -5.80 2.68
C LEU A 22 3.01 -5.36 1.61
N ARG A 23 2.86 -5.89 0.39
CA ARG A 23 3.74 -5.56 -0.72
C ARG A 23 3.60 -4.08 -1.09
N GLU A 24 2.37 -3.58 -1.00
CA GLU A 24 2.08 -2.18 -1.30
C GLU A 24 2.98 -1.27 -0.46
N ASP A 25 3.16 -1.64 0.80
CA ASP A 25 3.95 -0.85 1.75
C ASP A 25 5.43 -1.25 1.82
N LEU A 26 5.72 -2.54 1.73
CA LEU A 26 7.11 -3.01 1.83
C LEU A 26 7.96 -3.01 0.58
N GLY A 27 7.35 -3.24 -0.58
CA GLY A 27 8.11 -3.28 -1.81
C GLY A 27 9.33 -4.20 -1.70
N GLN A 28 10.47 -3.74 -2.20
CA GLN A 28 11.72 -4.52 -2.16
C GLN A 28 12.24 -4.71 -0.73
N GLY A 29 11.71 -3.93 0.21
CA GLY A 29 12.14 -4.06 1.59
C GLY A 29 12.11 -2.76 2.38
N ASP A 30 12.06 -2.90 3.71
CA ASP A 30 12.04 -1.77 4.63
C ASP A 30 13.46 -1.23 4.73
N LEU A 31 13.82 -0.36 3.81
CA LEU A 31 15.16 0.22 3.74
C LEU A 31 15.68 0.82 5.04
N THR A 32 14.86 1.66 5.68
CA THR A 32 15.27 2.30 6.93
C THR A 32 15.67 1.29 7.99
N SER A 33 14.82 0.30 8.23
CA SER A 33 15.12 -0.70 9.25
C SER A 33 16.34 -1.56 8.89
N LEU A 34 16.53 -1.83 7.61
CA LEU A 34 17.67 -2.63 7.17
C LEU A 34 18.97 -1.85 7.38
N LEU A 35 18.86 -0.54 7.39
CA LEU A 35 20.02 0.32 7.58
C LEU A 35 20.48 0.44 9.02
N VAL A 36 19.54 0.52 9.96
CA VAL A 36 19.91 0.70 11.36
C VAL A 36 19.53 -0.39 12.36
N VAL A 37 18.69 -1.34 11.94
CA VAL A 37 18.29 -2.40 12.87
C VAL A 37 19.00 -3.72 12.58
N PRO A 38 19.77 -4.23 13.55
CA PRO A 38 20.49 -5.50 13.40
C PRO A 38 19.53 -6.65 13.09
N GLU A 39 19.91 -7.51 12.16
CA GLU A 39 19.08 -8.63 11.76
C GLU A 39 18.64 -9.50 12.94
N ASP A 40 19.54 -9.71 13.90
CA ASP A 40 19.24 -10.54 15.07
C ASP A 40 18.68 -9.80 16.27
N LEU A 41 18.58 -8.47 16.19
CA LEU A 41 18.05 -7.71 17.31
C LEU A 41 16.59 -8.09 17.56
N GLU A 42 16.31 -8.55 18.78
CA GLU A 42 14.95 -8.96 19.13
C GLU A 42 14.11 -7.76 19.56
N GLY A 43 12.83 -7.83 19.24
CA GLY A 43 11.92 -6.77 19.60
C GLY A 43 10.80 -7.28 20.46
N GLU A 44 10.25 -6.39 21.28
CA GLU A 44 9.16 -6.71 22.17
C GLU A 44 8.23 -5.50 22.19
N ALA A 45 6.98 -5.71 21.80
CA ALA A 45 6.02 -4.61 21.76
C ALA A 45 4.63 -5.04 22.19
N VAL A 46 3.79 -4.05 22.48
CA VAL A 46 2.42 -4.31 22.88
C VAL A 46 1.51 -3.36 22.11
N ILE A 47 0.33 -3.83 21.74
CA ILE A 47 -0.63 -2.97 21.04
C ILE A 47 -1.54 -2.44 22.14
N LEU A 48 -1.59 -1.12 22.27
CA LEU A 48 -2.39 -0.48 23.30
C LEU A 48 -3.63 0.22 22.76
N ALA A 49 -4.73 0.10 23.49
CA ALA A 49 -5.98 0.77 23.12
C ALA A 49 -5.85 2.15 23.75
N LYS A 50 -5.82 3.19 22.92
CA LYS A 50 -5.69 4.56 23.43
C LYS A 50 -7.04 5.12 23.86
N GLU A 51 -8.10 4.39 23.53
CA GLU A 51 -9.45 4.79 23.91
C GLU A 51 -10.23 3.49 24.02
N GLY A 52 -11.37 3.53 24.70
CA GLY A 52 -12.17 2.33 24.85
C GLY A 52 -12.87 2.01 23.54
N GLY A 53 -13.17 0.73 23.32
CA GLY A 53 -13.85 0.32 22.10
C GLY A 53 -13.90 -1.17 21.93
N VAL A 54 -14.46 -1.62 20.80
CA VAL A 54 -14.56 -3.04 20.48
C VAL A 54 -13.45 -3.47 19.55
N LEU A 55 -12.75 -4.53 19.92
CA LEU A 55 -11.64 -5.13 19.18
C LEU A 55 -12.12 -6.04 18.04
N ALA A 56 -11.61 -5.86 16.83
CA ALA A 56 -11.93 -6.75 15.71
C ALA A 56 -10.72 -6.77 14.79
N GLY A 57 -10.40 -7.95 14.25
CA GLY A 57 -9.27 -8.07 13.34
C GLY A 57 -7.99 -8.52 14.02
N LEU A 58 -8.11 -8.98 15.27
CA LEU A 58 -6.92 -9.42 16.01
C LEU A 58 -6.20 -10.53 15.25
N TRP A 59 -6.95 -11.49 14.71
CA TRP A 59 -6.33 -12.58 13.98
C TRP A 59 -5.82 -12.11 12.62
N VAL A 60 -6.36 -11.01 12.11
CA VAL A 60 -5.90 -10.47 10.84
C VAL A 60 -4.53 -9.84 11.09
N ALA A 61 -4.42 -9.10 12.20
CA ALA A 61 -3.16 -8.45 12.54
C ALA A 61 -2.11 -9.52 12.81
N GLU A 62 -2.54 -10.63 13.40
CA GLU A 62 -1.60 -11.71 13.67
C GLU A 62 -1.02 -12.22 12.36
N ARG A 63 -1.87 -12.43 11.36
CA ARG A 63 -1.42 -12.91 10.07
C ARG A 63 -0.49 -11.93 9.34
N VAL A 64 -0.75 -10.64 9.44
CA VAL A 64 0.11 -9.66 8.77
C VAL A 64 1.53 -9.72 9.34
N PHE A 65 1.65 -9.80 10.66
CA PHE A 65 2.97 -9.88 11.28
C PHE A 65 3.68 -11.15 10.83
N ALA A 66 2.92 -12.24 10.73
CA ALA A 66 3.49 -13.52 10.30
C ALA A 66 3.98 -13.45 8.86
N LEU A 67 3.32 -12.65 8.03
CA LEU A 67 3.73 -12.50 6.63
C LEU A 67 4.99 -11.66 6.52
N ALA A 68 5.17 -10.72 7.45
CA ALA A 68 6.34 -9.86 7.44
C ALA A 68 7.55 -10.69 7.87
N ASP A 69 7.34 -11.57 8.85
CA ASP A 69 8.39 -12.45 9.35
C ASP A 69 7.70 -13.54 10.17
N PRO A 70 7.78 -14.80 9.71
CA PRO A 70 7.16 -15.93 10.40
C PRO A 70 7.70 -16.21 11.81
N ARG A 71 8.83 -15.62 12.15
CA ARG A 71 9.43 -15.83 13.47
C ARG A 71 8.77 -14.94 14.53
N THR A 72 8.05 -13.93 14.08
CA THR A 72 7.38 -13.03 15.01
C THR A 72 6.25 -13.77 15.72
N ALA A 73 6.08 -13.49 17.01
CA ALA A 73 5.04 -14.14 17.80
C ALA A 73 3.98 -13.14 18.23
N PHE A 74 2.78 -13.30 17.71
CA PHE A 74 1.67 -12.41 18.05
C PHE A 74 0.82 -13.08 19.11
N THR A 75 0.72 -12.45 20.28
CA THR A 75 -0.07 -13.01 21.37
C THR A 75 -1.23 -12.11 21.80
N PRO A 76 -2.46 -12.52 21.47
CA PRO A 76 -3.64 -11.73 21.85
C PRO A 76 -3.79 -11.74 23.36
N LEU A 77 -4.13 -10.59 23.94
CA LEU A 77 -4.32 -10.49 25.39
C LEU A 77 -5.81 -10.38 25.75
N VAL A 78 -6.63 -10.07 24.73
CA VAL A 78 -8.07 -10.10 24.94
C VAL A 78 -8.77 -10.88 23.82
N ALA A 79 -10.06 -11.19 24.05
CA ALA A 79 -10.80 -11.95 23.04
C ALA A 79 -11.22 -11.06 21.86
N GLU A 80 -11.37 -11.71 20.71
CA GLU A 80 -11.83 -11.03 19.51
C GLU A 80 -13.27 -10.58 19.78
N GLY A 81 -13.56 -9.31 19.52
CA GLY A 81 -14.90 -8.81 19.76
C GLY A 81 -15.11 -8.29 21.17
N ALA A 82 -14.07 -8.37 21.99
CA ALA A 82 -14.19 -7.89 23.36
C ALA A 82 -14.08 -6.37 23.42
N ARG A 83 -14.91 -5.75 24.25
CA ARG A 83 -14.86 -4.31 24.41
C ARG A 83 -13.83 -4.07 25.52
N VAL A 84 -12.87 -3.20 25.26
CA VAL A 84 -11.83 -2.92 26.23
C VAL A 84 -11.85 -1.45 26.65
N ALA A 85 -11.29 -1.18 27.82
CA ALA A 85 -11.23 0.19 28.31
C ALA A 85 -9.93 0.81 27.83
N GLU A 86 -9.85 2.13 27.93
CA GLU A 86 -8.64 2.82 27.52
C GLU A 86 -7.47 2.25 28.32
N GLY A 87 -6.29 2.22 27.69
CA GLY A 87 -5.11 1.72 28.36
C GLY A 87 -4.94 0.21 28.36
N THR A 88 -5.91 -0.50 27.79
CA THR A 88 -5.85 -1.95 27.73
C THR A 88 -4.85 -2.46 26.70
N GLU A 89 -3.96 -3.35 27.14
CA GLU A 89 -2.98 -3.94 26.23
C GLU A 89 -3.76 -5.08 25.58
N VAL A 90 -4.01 -4.95 24.28
CA VAL A 90 -4.79 -5.94 23.55
C VAL A 90 -3.98 -7.06 22.91
N ALA A 91 -2.67 -6.86 22.78
CA ALA A 91 -1.82 -7.88 22.19
C ALA A 91 -0.33 -7.61 22.40
N ARG A 92 0.44 -8.69 22.42
CA ARG A 92 1.89 -8.59 22.58
C ARG A 92 2.54 -9.22 21.36
N VAL A 93 3.58 -8.58 20.86
CA VAL A 93 4.30 -9.09 19.70
C VAL A 93 5.80 -9.13 20.00
N ARG A 94 6.39 -10.31 19.87
CA ARG A 94 7.82 -10.46 20.13
C ARG A 94 8.50 -11.34 19.09
N GLY A 95 9.64 -10.86 18.60
CA GLY A 95 10.41 -11.57 17.60
C GLY A 95 11.37 -10.60 16.97
N PRO A 96 11.93 -10.89 15.79
CA PRO A 96 12.87 -10.00 15.13
C PRO A 96 12.27 -8.60 15.00
N LEU A 97 12.93 -7.59 15.56
CA LEU A 97 12.42 -6.22 15.49
C LEU A 97 12.11 -5.80 14.06
N ARG A 98 12.96 -6.19 13.11
CA ARG A 98 12.73 -5.84 11.71
C ARG A 98 11.35 -6.30 11.24
N GLY A 99 11.02 -7.54 11.56
CA GLY A 99 9.73 -8.09 11.17
C GLY A 99 8.58 -7.35 11.82
N ILE A 100 8.79 -6.93 13.06
CA ILE A 100 7.75 -6.19 13.77
C ILE A 100 7.53 -4.84 13.12
N LEU A 101 8.63 -4.13 12.82
CA LEU A 101 8.53 -2.81 12.19
C LEU A 101 7.98 -2.91 10.78
N ALA A 102 8.26 -4.02 10.11
CA ALA A 102 7.78 -4.23 8.75
C ALA A 102 6.27 -4.46 8.67
N GLY A 103 5.71 -5.12 9.68
CA GLY A 103 4.28 -5.38 9.68
C GLY A 103 3.42 -4.41 10.47
N GLU A 104 4.05 -3.60 11.32
CA GLU A 104 3.32 -2.65 12.16
C GLU A 104 2.25 -1.80 11.47
N ARG A 105 2.66 -1.02 10.47
CA ARG A 105 1.72 -0.13 9.77
C ARG A 105 0.47 -0.80 9.22
N LEU A 106 0.64 -1.89 8.48
CA LEU A 106 -0.52 -2.57 7.91
C LEU A 106 -1.36 -3.23 9.00
N ALA A 107 -0.71 -3.90 9.94
CA ALA A 107 -1.41 -4.57 11.02
C ALA A 107 -2.32 -3.60 11.77
N LEU A 108 -1.76 -2.48 12.20
CA LEU A 108 -2.55 -1.48 12.93
C LEU A 108 -3.59 -0.80 12.07
N ASN A 109 -3.25 -0.54 10.81
CA ASN A 109 -4.21 0.11 9.93
C ASN A 109 -5.48 -0.73 9.88
N LEU A 110 -5.31 -2.03 9.70
CA LEU A 110 -6.43 -2.95 9.63
C LEU A 110 -7.11 -3.09 10.99
N LEU A 111 -6.32 -3.28 12.05
CA LEU A 111 -6.88 -3.42 13.38
C LEU A 111 -7.71 -2.19 13.77
N GLN A 112 -7.18 -1.01 13.50
CA GLN A 112 -7.87 0.22 13.82
C GLN A 112 -9.15 0.39 13.00
N ARG A 113 -9.06 0.06 11.72
CA ARG A 113 -10.23 0.19 10.84
C ARG A 113 -11.37 -0.74 11.24
N LEU A 114 -11.06 -2.02 11.37
CA LEU A 114 -12.07 -3.00 11.72
C LEU A 114 -12.61 -2.79 13.14
N SER A 115 -11.73 -2.45 14.08
CA SER A 115 -12.17 -2.19 15.45
C SER A 115 -13.11 -1.00 15.45
N GLY A 116 -12.77 0.01 14.65
CA GLY A 116 -13.62 1.20 14.56
C GLY A 116 -15.02 0.86 14.07
N ILE A 117 -15.10 -0.02 13.08
CA ILE A 117 -16.41 -0.45 12.55
C ILE A 117 -17.16 -1.23 13.61
N ALA A 118 -16.47 -2.18 14.24
CA ALA A 118 -17.12 -3.00 15.28
C ALA A 118 -17.61 -2.13 16.43
N THR A 119 -16.84 -1.12 16.78
CA THR A 119 -17.20 -0.20 17.87
C THR A 119 -18.46 0.59 17.57
N LEU A 120 -18.53 1.17 16.38
CA LEU A 120 -19.71 1.95 16.01
C LEU A 120 -20.93 1.03 15.89
N THR A 121 -20.73 -0.16 15.31
CA THR A 121 -21.82 -1.11 15.16
C THR A 121 -22.38 -1.47 16.54
N ARG A 122 -21.49 -1.74 17.49
CA ARG A 122 -21.95 -2.10 18.83
C ARG A 122 -22.77 -0.95 19.41
N ALA A 123 -22.37 0.28 19.15
CA ALA A 123 -23.10 1.44 19.65
C ALA A 123 -24.52 1.45 19.07
N TYR A 124 -24.66 1.15 17.78
CA TYR A 124 -25.99 1.11 17.17
C TYR A 124 -26.84 -0.03 17.72
N VAL A 125 -26.21 -1.18 17.95
CA VAL A 125 -26.90 -2.34 18.49
C VAL A 125 -27.47 -1.98 19.86
N GLU A 126 -26.66 -1.38 20.72
CA GLU A 126 -27.09 -1.00 22.06
C GLU A 126 -28.18 0.04 22.02
N ALA A 127 -28.16 0.89 21.00
CA ALA A 127 -29.18 1.91 20.86
C ALA A 127 -30.53 1.27 20.57
N LEU A 128 -30.52 0.05 20.06
CA LEU A 128 -31.77 -0.66 19.75
C LEU A 128 -32.22 -1.60 20.87
N ALA A 129 -31.45 -1.65 21.95
CA ALA A 129 -31.79 -2.51 23.08
C ALA A 129 -33.21 -2.28 23.55
N GLY A 130 -33.87 -3.34 24.00
CA GLY A 130 -35.23 -3.20 24.46
C GLY A 130 -36.26 -3.32 23.34
N THR A 131 -35.80 -3.34 22.09
CA THR A 131 -36.70 -3.49 20.95
C THR A 131 -36.29 -4.74 20.20
N LYS A 132 -37.12 -5.17 19.27
CA LYS A 132 -36.82 -6.38 18.48
C LYS A 132 -36.00 -6.06 17.23
N ALA A 133 -35.80 -4.78 16.94
CA ALA A 133 -35.04 -4.36 15.76
C ALA A 133 -33.58 -4.78 15.73
N GLN A 134 -33.08 -5.04 14.52
CA GLN A 134 -31.70 -5.44 14.34
C GLN A 134 -31.03 -4.47 13.37
N ILE A 135 -29.72 -4.27 13.57
CA ILE A 135 -28.91 -3.39 12.75
C ILE A 135 -28.40 -4.14 11.52
N LEU A 136 -28.46 -3.48 10.36
CA LEU A 136 -27.98 -4.08 9.11
C LEU A 136 -26.92 -3.19 8.47
N ASP A 137 -26.00 -3.80 7.72
CA ASP A 137 -24.96 -3.03 7.03
C ASP A 137 -25.49 -2.69 5.63
N THR A 138 -24.62 -2.16 4.76
CA THR A 138 -25.02 -1.76 3.41
C THR A 138 -23.89 -2.09 2.44
N ARG A 139 -23.98 -1.58 1.22
CA ARG A 139 -22.93 -1.78 0.22
C ARG A 139 -22.01 -0.56 0.14
N LYS A 140 -22.14 0.34 1.13
CA LYS A 140 -21.30 1.54 1.17
C LYS A 140 -20.06 1.12 1.94
N THR A 141 -19.27 0.27 1.30
CA THR A 141 -18.07 -0.27 1.90
C THR A 141 -16.82 0.15 1.13
N THR A 142 -15.66 -0.13 1.71
CA THR A 142 -14.40 0.22 1.11
C THR A 142 -14.03 -0.78 0.03
N PRO A 143 -13.73 -0.32 -1.20
CA PRO A 143 -13.37 -1.23 -2.28
C PRO A 143 -12.26 -2.20 -1.85
N GLY A 144 -12.51 -3.49 -2.00
CA GLY A 144 -11.51 -4.49 -1.65
C GLY A 144 -11.53 -4.96 -0.22
N LEU A 145 -12.27 -4.27 0.65
CA LEU A 145 -12.34 -4.58 2.08
C LEU A 145 -13.74 -5.08 2.50
N ARG A 146 -14.66 -5.30 1.56
CA ARG A 146 -16.02 -5.65 1.97
C ARG A 146 -16.13 -6.87 2.88
N ALA A 147 -15.46 -7.97 2.56
CA ALA A 147 -15.58 -9.15 3.40
C ALA A 147 -15.14 -8.83 4.83
N LEU A 148 -14.03 -8.13 4.95
CA LEU A 148 -13.50 -7.78 6.27
C LEU A 148 -14.38 -6.80 7.02
N GLU A 149 -14.98 -5.83 6.32
CA GLU A 149 -15.84 -4.86 6.97
C GLU A 149 -17.16 -5.48 7.41
N LYS A 150 -17.69 -6.41 6.62
CA LYS A 150 -18.94 -7.08 6.98
C LYS A 150 -18.66 -7.96 8.19
N TYR A 151 -17.45 -8.51 8.23
CA TYR A 151 -17.05 -9.34 9.37
C TYR A 151 -17.03 -8.47 10.61
N ALA A 152 -16.45 -7.27 10.49
CA ALA A 152 -16.37 -6.34 11.62
C ALA A 152 -17.77 -5.98 12.12
N VAL A 153 -18.73 -5.80 11.20
CA VAL A 153 -20.10 -5.51 11.61
C VAL A 153 -20.63 -6.66 12.47
N ARG A 154 -20.36 -7.90 12.04
CA ARG A 154 -20.80 -9.06 12.81
C ARG A 154 -20.16 -9.08 14.19
N VAL A 155 -18.87 -8.78 14.26
CA VAL A 155 -18.16 -8.76 15.54
C VAL A 155 -18.82 -7.76 16.49
N GLY A 156 -19.27 -6.63 15.95
CA GLY A 156 -19.90 -5.62 16.76
C GLY A 156 -21.31 -6.00 17.21
N GLY A 157 -21.87 -7.02 16.58
CA GLY A 157 -23.22 -7.45 16.96
C GLY A 157 -24.28 -7.16 15.92
N GLY A 158 -23.88 -6.56 14.80
CA GLY A 158 -24.85 -6.25 13.77
C GLY A 158 -25.05 -7.42 12.82
N ARG A 159 -26.01 -7.29 11.91
CA ARG A 159 -26.31 -8.32 10.93
C ARG A 159 -25.91 -7.82 9.55
N ASN A 160 -25.68 -8.75 8.62
CA ASN A 160 -25.29 -8.36 7.27
C ASN A 160 -26.46 -8.41 6.31
N HIS A 161 -26.55 -7.40 5.45
CA HIS A 161 -27.57 -7.40 4.41
C HIS A 161 -26.77 -8.10 3.32
N ARG A 162 -27.31 -8.15 2.10
CA ARG A 162 -26.64 -8.81 0.99
C ARG A 162 -25.21 -8.35 0.77
N TYR A 163 -24.35 -9.26 0.31
CA TYR A 163 -22.96 -8.96 0.05
C TYR A 163 -22.79 -8.04 -1.16
N GLY A 164 -23.63 -8.22 -2.17
CA GLY A 164 -23.52 -7.39 -3.35
C GLY A 164 -24.80 -7.38 -4.15
N LEU A 165 -24.68 -7.23 -5.46
CA LEU A 165 -25.86 -7.20 -6.33
C LEU A 165 -26.26 -8.60 -6.80
N PHE A 166 -25.40 -9.57 -6.53
CA PHE A 166 -25.62 -10.95 -6.96
C PHE A 166 -26.38 -11.84 -5.97
N ASP A 167 -26.65 -11.37 -4.76
CA ASP A 167 -27.32 -12.22 -3.80
C ASP A 167 -28.53 -11.65 -3.08
N GLY A 168 -29.17 -10.66 -3.70
CA GLY A 168 -30.35 -10.07 -3.10
C GLY A 168 -31.07 -9.18 -4.09
N ILE A 169 -32.40 -9.20 -4.04
CA ILE A 169 -33.19 -8.35 -4.93
C ILE A 169 -33.56 -7.13 -4.09
N LEU A 170 -33.06 -5.97 -4.49
CA LEU A 170 -33.35 -4.74 -3.76
C LEU A 170 -33.63 -3.64 -4.78
N LEU A 171 -34.92 -3.34 -4.98
CA LEU A 171 -35.35 -2.31 -5.92
C LEU A 171 -35.12 -0.96 -5.26
N LYS A 172 -34.10 -0.25 -5.72
CA LYS A 172 -33.74 1.05 -5.17
C LYS A 172 -34.47 2.16 -5.91
N GLU A 173 -34.32 3.40 -5.46
CA GLU A 173 -35.00 4.52 -6.10
C GLU A 173 -34.73 4.54 -7.61
N ASN A 174 -33.50 4.25 -8.01
CA ASN A 174 -33.19 4.25 -9.44
C ASN A 174 -33.94 3.17 -10.23
N HIS A 175 -34.23 2.04 -9.60
CA HIS A 175 -34.99 0.98 -10.28
C HIS A 175 -36.44 1.44 -10.37
N VAL A 176 -36.93 2.08 -9.32
CA VAL A 176 -38.31 2.56 -9.30
C VAL A 176 -38.50 3.60 -10.40
N ARG A 177 -37.52 4.48 -10.55
CA ARG A 177 -37.58 5.51 -11.58
C ARG A 177 -37.48 4.86 -12.96
N ALA A 178 -36.62 3.86 -13.10
CA ALA A 178 -36.45 3.18 -14.38
C ALA A 178 -37.69 2.38 -14.81
N ALA A 179 -38.42 1.83 -13.83
CA ALA A 179 -39.61 1.04 -14.13
C ALA A 179 -40.89 1.87 -14.20
N GLY A 180 -40.80 3.13 -13.81
CA GLY A 180 -41.97 3.99 -13.88
C GLY A 180 -42.87 3.99 -12.65
N GLY A 181 -42.38 3.47 -11.53
CA GLY A 181 -43.18 3.47 -10.33
C GLY A 181 -42.86 2.33 -9.38
N VAL A 182 -43.25 2.47 -8.12
CA VAL A 182 -43.00 1.43 -7.13
C VAL A 182 -43.82 0.17 -7.42
N GLY A 183 -45.12 0.34 -7.62
CA GLY A 183 -45.96 -0.81 -7.90
C GLY A 183 -45.51 -1.49 -9.18
N GLU A 184 -45.09 -0.68 -10.15
CA GLU A 184 -44.64 -1.21 -11.43
C GLU A 184 -43.37 -2.06 -11.28
N ALA A 185 -42.40 -1.52 -10.54
CA ALA A 185 -41.14 -2.23 -10.32
C ALA A 185 -41.37 -3.50 -9.53
N VAL A 186 -42.20 -3.44 -8.49
CA VAL A 186 -42.47 -4.60 -7.66
C VAL A 186 -43.19 -5.70 -8.45
N ARG A 187 -44.23 -5.34 -9.20
CA ARG A 187 -44.94 -6.35 -9.97
C ARG A 187 -44.01 -7.03 -10.98
N ARG A 188 -43.13 -6.26 -11.60
CA ARG A 188 -42.19 -6.84 -12.57
C ARG A 188 -41.24 -7.81 -11.89
N ALA A 189 -40.71 -7.41 -10.75
CA ALA A 189 -39.76 -8.26 -10.02
C ALA A 189 -40.43 -9.53 -9.51
N LYS A 190 -41.62 -9.41 -8.94
CA LYS A 190 -42.32 -10.58 -8.41
C LYS A 190 -42.62 -11.61 -9.49
N ALA A 191 -42.82 -11.13 -10.71
CA ALA A 191 -43.14 -12.01 -11.83
C ALA A 191 -41.98 -12.87 -12.32
N ARG A 192 -40.75 -12.42 -12.09
CA ARG A 192 -39.57 -13.15 -12.56
C ARG A 192 -38.43 -13.29 -11.59
N ALA A 193 -38.59 -12.81 -10.36
CA ALA A 193 -37.50 -12.89 -9.40
C ALA A 193 -37.05 -14.31 -9.08
N PRO A 194 -35.75 -14.49 -8.83
CA PRO A 194 -35.23 -15.83 -8.49
C PRO A 194 -36.09 -16.29 -7.31
N HIS A 195 -36.56 -17.53 -7.34
CA HIS A 195 -37.46 -18.01 -6.29
C HIS A 195 -36.92 -18.08 -4.87
N TYR A 196 -35.60 -18.12 -4.73
CA TYR A 196 -34.99 -18.23 -3.40
C TYR A 196 -34.66 -16.88 -2.75
N LEU A 197 -35.01 -15.79 -3.43
CA LEU A 197 -34.73 -14.45 -2.90
C LEU A 197 -36.02 -13.71 -2.60
N LYS A 198 -35.98 -12.88 -1.57
CA LYS A 198 -37.14 -12.08 -1.22
C LYS A 198 -37.06 -10.79 -2.01
N VAL A 199 -38.21 -10.26 -2.42
CA VAL A 199 -38.22 -9.02 -3.18
C VAL A 199 -38.38 -7.84 -2.24
N GLU A 200 -37.34 -7.02 -2.14
CA GLU A 200 -37.37 -5.84 -1.28
C GLU A 200 -37.40 -4.61 -2.19
N VAL A 201 -38.09 -3.57 -1.73
CA VAL A 201 -38.17 -2.34 -2.50
C VAL A 201 -38.05 -1.15 -1.55
N GLU A 202 -37.35 -0.11 -1.99
CA GLU A 202 -37.20 1.11 -1.19
C GLU A 202 -38.36 2.04 -1.53
N VAL A 203 -38.97 2.64 -0.52
CA VAL A 203 -40.07 3.57 -0.74
C VAL A 203 -39.76 4.88 -0.03
N ARG A 204 -40.26 5.99 -0.57
CA ARG A 204 -40.00 7.30 0.01
C ARG A 204 -41.20 8.04 0.60
N SER A 205 -42.37 7.42 0.53
CA SER A 205 -43.59 8.03 1.07
C SER A 205 -44.57 6.95 1.47
N LEU A 206 -45.62 7.34 2.19
CA LEU A 206 -46.64 6.40 2.62
C LEU A 206 -47.41 5.90 1.41
N GLU A 207 -47.52 6.72 0.37
CA GLU A 207 -48.20 6.30 -0.86
C GLU A 207 -47.39 5.21 -1.54
N GLU A 208 -46.07 5.38 -1.59
CA GLU A 208 -45.21 4.39 -2.20
C GLU A 208 -45.23 3.12 -1.37
N LEU A 209 -45.35 3.27 -0.05
CA LEU A 209 -45.43 2.13 0.84
C LEU A 209 -46.65 1.28 0.46
N GLU A 210 -47.78 1.93 0.24
CA GLU A 210 -49.00 1.22 -0.11
C GLU A 210 -48.82 0.47 -1.43
N GLU A 211 -48.17 1.11 -2.40
CA GLU A 211 -47.92 0.47 -3.69
C GLU A 211 -47.14 -0.82 -3.47
N ALA A 212 -46.08 -0.72 -2.66
CA ALA A 212 -45.24 -1.88 -2.38
C ALA A 212 -46.02 -3.02 -1.74
N LEU A 213 -46.79 -2.70 -0.72
CA LEU A 213 -47.59 -3.70 -0.03
C LEU A 213 -48.56 -4.38 -0.97
N GLU A 214 -49.30 -3.60 -1.73
CA GLU A 214 -50.29 -4.14 -2.65
C GLU A 214 -49.73 -4.93 -3.83
N ALA A 215 -48.52 -4.59 -4.27
CA ALA A 215 -47.90 -5.30 -5.40
C ALA A 215 -47.23 -6.59 -4.93
N GLY A 216 -47.20 -6.81 -3.62
CA GLY A 216 -46.63 -8.04 -3.09
C GLY A 216 -45.18 -8.03 -2.66
N ALA A 217 -44.62 -6.88 -2.33
CA ALA A 217 -43.22 -6.85 -1.89
C ALA A 217 -43.07 -7.75 -0.66
N ASP A 218 -41.92 -8.40 -0.56
CA ASP A 218 -41.64 -9.30 0.57
C ASP A 218 -41.01 -8.55 1.75
N LEU A 219 -40.31 -7.47 1.43
CA LEU A 219 -39.43 -6.65 2.24
C LEU A 219 -39.75 -5.22 1.91
N ILE A 220 -39.86 -4.26 2.84
CA ILE A 220 -39.99 -2.87 2.42
C ILE A 220 -39.00 -2.02 3.20
N LEU A 221 -38.23 -1.22 2.47
CA LEU A 221 -37.25 -0.34 3.10
C LEU A 221 -37.78 1.09 3.10
N LEU A 222 -37.96 1.65 4.29
CA LEU A 222 -38.44 3.02 4.42
C LEU A 222 -37.24 3.96 4.31
N ASP A 223 -37.19 4.71 3.22
CA ASP A 223 -36.07 5.63 2.94
C ASP A 223 -36.23 7.03 3.52
N ASN A 224 -35.48 7.31 4.58
CA ASN A 224 -35.49 8.64 5.20
C ASN A 224 -36.87 9.15 5.61
N PHE A 225 -37.67 8.30 6.22
CA PHE A 225 -39.02 8.68 6.68
C PHE A 225 -38.95 9.51 7.96
N PRO A 226 -39.71 10.62 8.03
CA PRO A 226 -39.65 11.38 9.28
C PRO A 226 -40.30 10.48 10.34
N LEU A 227 -39.99 10.72 11.61
CA LEU A 227 -40.54 9.90 12.69
C LEU A 227 -42.05 9.67 12.62
N GLU A 228 -42.81 10.74 12.43
CA GLU A 228 -44.27 10.63 12.33
C GLU A 228 -44.67 9.60 11.27
N ALA A 229 -44.10 9.72 10.08
CA ALA A 229 -44.40 8.80 8.98
C ALA A 229 -43.95 7.37 9.32
N LEU A 230 -42.77 7.24 9.92
CA LEU A 230 -42.28 5.92 10.29
C LEU A 230 -43.31 5.20 11.17
N ARG A 231 -43.80 5.89 12.19
CA ARG A 231 -44.78 5.29 13.08
C ARG A 231 -46.01 4.85 12.31
N GLU A 232 -46.49 5.71 11.42
CA GLU A 232 -47.67 5.43 10.62
C GLU A 232 -47.43 4.23 9.70
N ALA A 233 -46.23 4.12 9.16
CA ALA A 233 -45.89 3.01 8.27
C ALA A 233 -45.98 1.70 9.04
N VAL A 234 -45.42 1.68 10.25
CA VAL A 234 -45.45 0.47 11.06
C VAL A 234 -46.88 0.06 11.39
N ARG A 235 -47.70 1.05 11.77
CA ARG A 235 -49.09 0.77 12.11
C ARG A 235 -49.82 0.15 10.94
N ARG A 236 -49.71 0.77 9.78
CA ARG A 236 -50.37 0.30 8.57
C ARG A 236 -49.97 -1.11 8.19
N VAL A 237 -48.67 -1.34 8.07
CA VAL A 237 -48.15 -2.66 7.72
C VAL A 237 -48.65 -3.72 8.69
N GLY A 238 -48.78 -3.34 9.95
CA GLY A 238 -49.27 -4.28 10.95
C GLY A 238 -48.60 -5.65 10.94
N GLY A 239 -47.30 -5.68 10.73
CA GLY A 239 -46.56 -6.93 10.73
C GLY A 239 -46.75 -7.83 9.53
N ARG A 240 -47.40 -7.33 8.48
CA ARG A 240 -47.62 -8.15 7.29
C ARG A 240 -46.29 -8.51 6.60
N VAL A 241 -45.35 -7.57 6.65
CA VAL A 241 -44.05 -7.76 6.03
C VAL A 241 -43.01 -7.04 6.88
N PRO A 242 -41.76 -7.54 6.90
CA PRO A 242 -40.70 -6.90 7.69
C PRO A 242 -40.40 -5.51 7.14
N LEU A 243 -40.13 -4.55 8.03
CA LEU A 243 -39.82 -3.20 7.60
C LEU A 243 -38.37 -2.85 7.98
N GLU A 244 -37.64 -2.31 7.00
CA GLU A 244 -36.25 -1.92 7.19
C GLU A 244 -36.15 -0.40 7.04
N ALA A 245 -35.69 0.28 8.07
CA ALA A 245 -35.56 1.74 8.01
C ALA A 245 -34.13 2.11 7.64
N SER A 246 -33.98 3.12 6.79
CA SER A 246 -32.65 3.56 6.36
C SER A 246 -32.69 5.06 6.08
N GLY A 247 -31.53 5.63 5.79
CA GLY A 247 -31.46 7.05 5.49
C GLY A 247 -30.91 7.98 6.58
N ASN A 248 -29.75 8.57 6.32
CA ASN A 248 -29.05 9.49 7.24
C ASN A 248 -29.24 9.08 8.70
N MET A 249 -28.80 7.87 8.99
CA MET A 249 -28.89 7.35 10.34
C MET A 249 -27.90 7.97 11.32
N THR A 250 -28.35 8.08 12.55
CA THR A 250 -27.55 8.57 13.66
C THR A 250 -28.04 7.64 14.77
N LEU A 251 -27.34 7.60 15.89
CA LEU A 251 -27.79 6.73 16.97
C LEU A 251 -29.21 7.09 17.41
N GLU A 252 -29.48 8.39 17.48
CA GLU A 252 -30.80 8.87 17.89
C GLU A 252 -31.89 8.42 16.93
N ARG A 253 -31.64 8.58 15.64
CA ARG A 253 -32.62 8.20 14.63
C ARG A 253 -32.84 6.70 14.56
N ALA A 254 -31.77 5.93 14.70
CA ALA A 254 -31.88 4.48 14.68
C ALA A 254 -32.71 4.01 15.86
N LYS A 255 -32.50 4.64 17.02
CA LYS A 255 -33.25 4.28 18.21
C LYS A 255 -34.73 4.65 18.05
N ALA A 256 -34.99 5.82 17.46
CA ALA A 256 -36.35 6.28 17.26
C ALA A 256 -37.09 5.33 16.34
N ALA A 257 -36.44 4.96 15.24
CA ALA A 257 -37.04 4.03 14.27
C ALA A 257 -37.36 2.70 14.95
N ALA A 258 -36.41 2.21 15.75
CA ALA A 258 -36.60 0.95 16.46
C ALA A 258 -37.79 1.03 17.43
N GLU A 259 -37.88 2.12 18.17
CA GLU A 259 -38.97 2.27 19.13
C GLU A 259 -40.29 2.49 18.37
N ALA A 260 -40.19 2.92 17.12
CA ALA A 260 -41.37 3.14 16.31
C ALA A 260 -41.93 1.77 15.91
N GLY A 261 -41.07 0.76 15.89
CA GLY A 261 -41.52 -0.58 15.57
C GLY A 261 -40.98 -1.26 14.33
N VAL A 262 -39.95 -0.70 13.69
CA VAL A 262 -39.40 -1.34 12.50
C VAL A 262 -38.63 -2.60 12.90
N ASP A 263 -38.42 -3.48 11.94
CA ASP A 263 -37.74 -4.74 12.20
C ASP A 263 -36.25 -4.67 11.98
N TYR A 264 -35.83 -3.77 11.09
CA TYR A 264 -34.42 -3.60 10.79
C TYR A 264 -34.07 -2.14 10.55
N VAL A 265 -32.82 -1.80 10.86
CA VAL A 265 -32.34 -0.45 10.64
C VAL A 265 -31.02 -0.63 9.91
N SER A 266 -30.96 -0.22 8.64
CA SER A 266 -29.73 -0.35 7.87
C SER A 266 -28.93 0.94 8.03
N VAL A 267 -27.65 0.79 8.36
CA VAL A 267 -26.77 1.92 8.65
C VAL A 267 -25.54 1.99 7.77
N GLY A 268 -25.53 2.94 6.84
CA GLY A 268 -24.39 3.07 5.96
C GLY A 268 -23.15 3.52 6.71
N ALA A 269 -23.35 4.34 7.74
CA ALA A 269 -22.26 4.87 8.53
C ALA A 269 -21.34 3.80 9.10
N LEU A 270 -21.89 2.63 9.39
CA LEU A 270 -21.09 1.54 9.96
C LEU A 270 -19.81 1.27 9.19
N THR A 271 -19.90 1.29 7.85
CA THR A 271 -18.74 1.02 7.01
C THR A 271 -18.34 2.19 6.12
N HIS A 272 -19.18 3.22 6.09
CA HIS A 272 -18.91 4.37 5.25
C HIS A 272 -18.26 5.54 5.98
N SER A 273 -18.47 5.64 7.29
CA SER A 273 -17.89 6.74 8.04
C SER A 273 -17.50 6.44 9.48
N ALA A 274 -17.20 5.17 9.78
CA ALA A 274 -16.80 4.81 11.14
C ALA A 274 -15.37 5.31 11.40
N LYS A 275 -15.19 6.06 12.47
CA LYS A 275 -13.86 6.56 12.81
C LYS A 275 -13.01 5.37 13.25
N ALA A 276 -11.73 5.38 12.88
CA ALA A 276 -10.84 4.29 13.28
C ALA A 276 -10.66 4.32 14.79
N LEU A 277 -10.50 3.15 15.38
CA LEU A 277 -10.28 3.11 16.83
C LEU A 277 -8.81 3.47 17.07
N ASP A 278 -8.56 4.29 18.09
CA ASP A 278 -7.20 4.72 18.40
C ASP A 278 -6.41 3.60 19.08
N LEU A 279 -5.56 2.94 18.31
CA LEU A 279 -4.72 1.87 18.81
C LEU A 279 -3.28 2.16 18.37
N SER A 280 -2.31 1.81 19.19
CA SER A 280 -0.92 2.08 18.85
C SER A 280 0.01 0.92 19.22
N LEU A 281 1.10 0.78 18.47
CA LEU A 281 2.06 -0.27 18.77
C LEU A 281 3.15 0.36 19.62
N LEU A 282 3.30 -0.14 20.83
CA LEU A 282 4.31 0.37 21.75
C LEU A 282 5.50 -0.59 21.83
N VAL A 283 6.66 -0.15 21.33
CA VAL A 283 7.85 -0.98 21.39
C VAL A 283 8.48 -0.75 22.76
N VAL A 284 8.42 -1.76 23.62
CA VAL A 284 8.99 -1.65 24.95
C VAL A 284 10.49 -1.94 24.98
N ARG A 285 10.94 -2.77 24.06
CA ARG A 285 12.36 -3.07 23.93
C ARG A 285 12.72 -3.44 22.49
N PRO A 286 13.78 -2.81 21.97
CA PRO A 286 14.65 -1.82 22.63
C PRO A 286 13.92 -0.54 23.05
N GLN B 11 0.45 4.97 -13.16
CA GLN B 11 -0.04 3.57 -13.31
C GLN B 11 0.54 2.63 -12.25
N GLY B 12 -0.08 1.45 -12.13
CA GLY B 12 0.37 0.47 -11.17
C GLY B 12 -0.64 -0.65 -10.98
N GLY B 13 -1.34 -1.00 -12.05
CA GLY B 13 -2.32 -2.07 -11.99
C GLY B 13 -3.72 -1.64 -11.59
N LEU B 14 -4.03 -0.36 -11.77
CA LEU B 14 -5.35 0.15 -11.41
C LEU B 14 -6.47 -0.58 -12.14
N GLU B 15 -6.25 -0.84 -13.43
CA GLU B 15 -7.22 -1.54 -14.27
C GLU B 15 -7.64 -2.85 -13.63
N GLU B 16 -6.66 -3.65 -13.21
CA GLU B 16 -6.89 -4.94 -12.58
C GLU B 16 -7.63 -4.78 -11.25
N ALA B 17 -7.28 -3.74 -10.51
CA ALA B 17 -7.91 -3.49 -9.22
C ALA B 17 -9.39 -3.14 -9.41
N LEU B 18 -9.69 -2.28 -10.37
CA LEU B 18 -11.08 -1.89 -10.63
C LEU B 18 -11.93 -3.09 -11.04
N ARG B 19 -11.37 -3.98 -11.87
CA ARG B 19 -12.12 -5.16 -12.28
C ARG B 19 -12.40 -6.05 -11.06
N ALA B 20 -11.42 -6.14 -10.16
CA ALA B 20 -11.59 -6.96 -8.97
C ALA B 20 -12.64 -6.37 -8.04
N TRP B 21 -12.66 -5.05 -7.91
CA TRP B 21 -13.63 -4.40 -7.04
C TRP B 21 -15.02 -4.44 -7.64
N LEU B 22 -15.10 -4.45 -8.96
CA LEU B 22 -16.39 -4.54 -9.61
C LEU B 22 -16.93 -5.94 -9.37
N ARG B 23 -16.06 -6.94 -9.47
CA ARG B 23 -16.45 -8.32 -9.25
C ARG B 23 -16.89 -8.54 -7.80
N GLU B 24 -16.26 -7.81 -6.89
CA GLU B 24 -16.60 -7.90 -5.48
C GLU B 24 -18.11 -7.64 -5.32
N ASP B 25 -18.60 -6.63 -6.02
CA ASP B 25 -19.99 -6.23 -5.96
C ASP B 25 -20.93 -6.97 -6.93
N LEU B 26 -20.45 -7.25 -8.14
CA LEU B 26 -21.29 -7.89 -9.16
C LEU B 26 -21.46 -9.39 -9.14
N GLY B 27 -20.43 -10.13 -8.75
CA GLY B 27 -20.57 -11.58 -8.75
C GLY B 27 -21.10 -12.05 -10.10
N GLN B 28 -22.00 -13.03 -10.10
CA GLN B 28 -22.56 -13.57 -11.34
C GLN B 28 -23.35 -12.53 -12.14
N GLY B 29 -23.75 -11.44 -11.49
CA GLY B 29 -24.52 -10.41 -12.18
C GLY B 29 -25.46 -9.65 -11.27
N ASP B 30 -25.92 -8.50 -11.76
CA ASP B 30 -26.84 -7.63 -11.03
C ASP B 30 -28.26 -8.17 -11.20
N LEU B 31 -28.66 -9.10 -10.34
CA LEU B 31 -29.97 -9.72 -10.45
C LEU B 31 -31.16 -8.78 -10.40
N THR B 32 -31.09 -7.73 -9.58
CA THR B 32 -32.21 -6.79 -9.47
C THR B 32 -32.45 -6.04 -10.78
N SER B 33 -31.41 -5.45 -11.34
CA SER B 33 -31.56 -4.70 -12.58
C SER B 33 -32.01 -5.58 -13.75
N LEU B 34 -31.49 -6.81 -13.83
CA LEU B 34 -31.89 -7.71 -14.91
C LEU B 34 -33.40 -7.93 -14.91
N LEU B 35 -34.01 -7.83 -13.73
CA LEU B 35 -35.44 -8.03 -13.57
C LEU B 35 -36.34 -6.92 -14.06
N VAL B 36 -35.95 -5.68 -13.83
CA VAL B 36 -36.82 -4.58 -14.20
C VAL B 36 -36.30 -3.60 -15.24
N VAL B 37 -35.07 -3.79 -15.71
CA VAL B 37 -34.53 -2.90 -16.74
C VAL B 37 -34.25 -3.68 -18.03
N PRO B 38 -34.99 -3.34 -19.10
CA PRO B 38 -34.80 -4.03 -20.38
C PRO B 38 -33.33 -4.02 -20.81
N GLU B 39 -32.92 -5.07 -21.49
CA GLU B 39 -31.54 -5.21 -21.95
C GLU B 39 -31.07 -4.07 -22.87
N ASP B 40 -31.94 -3.60 -23.74
CA ASP B 40 -31.55 -2.53 -24.65
C ASP B 40 -32.03 -1.15 -24.26
N LEU B 41 -32.54 -0.99 -23.04
CA LEU B 41 -33.01 0.32 -22.60
C LEU B 41 -31.85 1.25 -22.28
N GLU B 42 -31.77 2.36 -23.00
CA GLU B 42 -30.72 3.34 -22.77
C GLU B 42 -31.26 4.37 -21.79
N GLY B 43 -30.38 4.94 -20.98
CA GLY B 43 -30.82 5.92 -20.01
C GLY B 43 -29.72 6.93 -19.68
N GLU B 44 -30.03 7.81 -18.74
CA GLU B 44 -29.06 8.82 -18.31
C GLU B 44 -29.22 9.05 -16.82
N ALA B 45 -28.09 9.25 -16.14
CA ALA B 45 -28.11 9.48 -14.70
C ALA B 45 -27.23 10.67 -14.39
N VAL B 46 -27.50 11.32 -13.27
CA VAL B 46 -26.74 12.47 -12.85
C VAL B 46 -26.09 12.21 -11.51
N ILE B 47 -24.82 12.54 -11.39
CA ILE B 47 -24.10 12.39 -10.12
C ILE B 47 -24.21 13.77 -9.52
N LEU B 48 -24.79 13.84 -8.32
CA LEU B 48 -24.99 15.10 -7.63
C LEU B 48 -24.18 15.18 -6.34
N ALA B 49 -23.70 16.38 -6.03
CA ALA B 49 -22.97 16.59 -4.78
C ALA B 49 -24.07 16.85 -3.76
N LYS B 50 -24.01 16.14 -2.64
CA LYS B 50 -25.01 16.31 -1.59
C LYS B 50 -24.49 17.23 -0.48
N GLU B 51 -23.29 17.73 -0.68
CA GLU B 51 -22.67 18.65 0.25
C GLU B 51 -21.51 19.30 -0.48
N GLY B 52 -21.04 20.43 0.02
CA GLY B 52 -19.94 21.12 -0.63
C GLY B 52 -18.60 20.46 -0.41
N GLY B 53 -17.71 20.59 -1.38
CA GLY B 53 -16.38 19.99 -1.26
C GLY B 53 -15.62 20.00 -2.59
N VAL B 54 -14.53 19.20 -2.63
CA VAL B 54 -13.71 19.14 -3.84
C VAL B 54 -13.82 17.77 -4.52
N LEU B 55 -13.95 17.81 -5.86
CA LEU B 55 -14.10 16.57 -6.62
C LEU B 55 -12.74 15.97 -7.00
N ALA B 56 -12.59 14.66 -6.68
CA ALA B 56 -11.43 13.93 -7.15
C ALA B 56 -11.80 12.49 -7.55
N GLY B 57 -11.26 12.05 -8.69
CA GLY B 57 -11.49 10.67 -9.12
C GLY B 57 -12.53 10.58 -10.24
N LEU B 58 -12.80 11.69 -10.92
CA LEU B 58 -13.76 11.64 -12.02
C LEU B 58 -13.35 10.64 -13.09
N TRP B 59 -12.06 10.61 -13.43
CA TRP B 59 -11.60 9.67 -14.46
C TRP B 59 -11.67 8.23 -13.97
N VAL B 60 -11.60 8.05 -12.66
CA VAL B 60 -11.68 6.70 -12.10
C VAL B 60 -13.11 6.20 -12.22
N ALA B 61 -14.05 7.08 -11.92
CA ALA B 61 -15.47 6.73 -12.03
C ALA B 61 -15.78 6.42 -13.48
N GLU B 62 -15.23 7.22 -14.40
CA GLU B 62 -15.46 6.97 -15.82
C GLU B 62 -15.06 5.56 -16.20
N ARG B 63 -13.87 5.15 -15.73
CA ARG B 63 -13.35 3.82 -16.00
C ARG B 63 -14.25 2.73 -15.39
N VAL B 64 -14.76 2.97 -14.19
CA VAL B 64 -15.64 2.00 -13.56
C VAL B 64 -16.86 1.74 -14.45
N PHE B 65 -17.51 2.81 -14.90
CA PHE B 65 -18.69 2.67 -15.75
C PHE B 65 -18.32 2.02 -17.09
N ALA B 66 -17.13 2.34 -17.60
CA ALA B 66 -16.68 1.77 -18.86
C ALA B 66 -16.49 0.25 -18.71
N LEU B 67 -15.92 -0.16 -17.58
CA LEU B 67 -15.71 -1.57 -17.32
C LEU B 67 -17.05 -2.30 -17.17
N ALA B 68 -18.03 -1.64 -16.56
CA ALA B 68 -19.36 -2.23 -16.38
C ALA B 68 -19.98 -2.46 -17.75
N ASP B 69 -19.84 -1.48 -18.64
CA ASP B 69 -20.34 -1.57 -20.01
C ASP B 69 -19.64 -0.48 -20.82
N PRO B 70 -18.78 -0.87 -21.77
CA PRO B 70 -18.02 0.06 -22.62
C PRO B 70 -18.88 1.02 -23.45
N ARG B 71 -20.17 0.75 -23.53
CA ARG B 71 -21.06 1.61 -24.29
C ARG B 71 -21.47 2.85 -23.48
N THR B 72 -21.16 2.87 -22.19
CA THR B 72 -21.51 4.03 -21.37
C THR B 72 -20.60 5.21 -21.70
N ALA B 73 -21.14 6.42 -21.52
CA ALA B 73 -20.40 7.64 -21.76
C ALA B 73 -20.47 8.49 -20.50
N PHE B 74 -19.30 8.92 -20.02
CA PHE B 74 -19.21 9.73 -18.79
C PHE B 74 -18.86 11.17 -19.16
N THR B 75 -19.70 12.10 -18.73
CA THR B 75 -19.44 13.51 -19.03
C THR B 75 -19.36 14.35 -17.76
N PRO B 76 -18.15 14.80 -17.40
CA PRO B 76 -18.03 15.62 -16.18
C PRO B 76 -18.59 17.01 -16.45
N LEU B 77 -19.21 17.60 -15.42
CA LEU B 77 -19.78 18.94 -15.52
C LEU B 77 -19.01 19.88 -14.62
N VAL B 78 -17.91 19.38 -14.07
CA VAL B 78 -17.02 20.14 -13.21
C VAL B 78 -15.62 19.62 -13.49
N ALA B 79 -14.60 20.42 -13.19
CA ALA B 79 -13.24 19.99 -13.43
C ALA B 79 -12.73 19.14 -12.27
N GLU B 80 -11.78 18.26 -12.55
CA GLU B 80 -11.18 17.43 -11.52
C GLU B 80 -10.49 18.41 -10.57
N GLY B 81 -10.78 18.33 -9.29
CA GLY B 81 -10.17 19.22 -8.32
C GLY B 81 -10.93 20.52 -8.10
N ALA B 82 -12.11 20.64 -8.68
CA ALA B 82 -12.90 21.86 -8.49
C ALA B 82 -13.72 21.76 -7.22
N ARG B 83 -13.93 22.88 -6.56
CA ARG B 83 -14.75 22.90 -5.36
C ARG B 83 -16.18 23.16 -5.81
N VAL B 84 -17.11 22.34 -5.34
CA VAL B 84 -18.51 22.49 -5.71
C VAL B 84 -19.38 22.74 -4.49
N ALA B 85 -20.58 23.25 -4.72
CA ALA B 85 -21.52 23.52 -3.65
C ALA B 85 -22.54 22.40 -3.61
N GLU B 86 -23.25 22.30 -2.49
CA GLU B 86 -24.28 21.27 -2.34
C GLU B 86 -25.30 21.46 -3.47
N GLY B 87 -25.74 20.36 -4.07
CA GLY B 87 -26.72 20.43 -5.14
C GLY B 87 -26.15 20.59 -6.54
N THR B 88 -24.83 20.67 -6.64
CA THR B 88 -24.16 20.82 -7.93
C THR B 88 -24.12 19.52 -8.72
N GLU B 89 -24.34 19.61 -10.03
CA GLU B 89 -24.26 18.43 -10.89
C GLU B 89 -22.79 18.19 -11.20
N VAL B 90 -22.28 17.04 -10.76
CA VAL B 90 -20.88 16.68 -10.94
C VAL B 90 -20.60 16.05 -12.29
N ALA B 91 -21.51 15.20 -12.74
CA ALA B 91 -21.34 14.53 -14.01
C ALA B 91 -22.63 13.89 -14.47
N ARG B 92 -22.65 13.49 -15.73
CA ARG B 92 -23.78 12.82 -16.30
C ARG B 92 -23.23 11.57 -16.95
N VAL B 93 -23.97 10.47 -16.82
CA VAL B 93 -23.56 9.21 -17.38
C VAL B 93 -24.71 8.75 -18.28
N ARG B 94 -24.38 8.30 -19.47
CA ARG B 94 -25.39 7.87 -20.42
C ARG B 94 -25.02 6.55 -21.08
N GLY B 95 -26.03 5.78 -21.45
CA GLY B 95 -25.78 4.49 -22.09
C GLY B 95 -26.71 3.43 -21.55
N PRO B 96 -26.43 2.14 -21.80
CA PRO B 96 -27.28 1.06 -21.29
C PRO B 96 -27.53 1.27 -19.79
N LEU B 97 -28.80 1.36 -19.40
CA LEU B 97 -29.11 1.57 -17.99
C LEU B 97 -28.58 0.47 -17.07
N ARG B 98 -28.63 -0.78 -17.51
CA ARG B 98 -28.11 -1.87 -16.69
C ARG B 98 -26.65 -1.59 -16.34
N GLY B 99 -25.89 -1.12 -17.32
CA GLY B 99 -24.48 -0.82 -17.10
C GLY B 99 -24.27 0.28 -16.07
N ILE B 100 -25.09 1.32 -16.15
CA ILE B 100 -24.98 2.44 -15.22
C ILE B 100 -25.31 1.95 -13.81
N LEU B 101 -26.40 1.21 -13.66
CA LEU B 101 -26.80 0.71 -12.36
C LEU B 101 -25.83 -0.32 -11.78
N ALA B 102 -25.11 -1.02 -12.65
CA ALA B 102 -24.15 -2.01 -12.18
C ALA B 102 -22.87 -1.35 -11.64
N GLY B 103 -22.44 -0.29 -12.28
CA GLY B 103 -21.24 0.39 -11.85
C GLY B 103 -21.46 1.49 -10.82
N GLU B 104 -22.72 1.87 -10.62
CA GLU B 104 -23.06 2.95 -9.69
C GLU B 104 -22.42 2.94 -8.30
N ARG B 105 -22.64 1.87 -7.54
CA ARG B 105 -22.10 1.81 -6.17
C ARG B 105 -20.58 1.90 -6.09
N LEU B 106 -19.88 1.09 -6.87
CA LEU B 106 -18.43 1.11 -6.85
C LEU B 106 -17.91 2.48 -7.26
N ALA B 107 -18.46 3.02 -8.35
CA ALA B 107 -18.02 4.34 -8.85
C ALA B 107 -18.19 5.39 -7.76
N LEU B 108 -19.34 5.36 -7.08
CA LEU B 108 -19.61 6.32 -6.02
C LEU B 108 -18.73 6.10 -4.81
N ASN B 109 -18.52 4.83 -4.45
CA ASN B 109 -17.67 4.54 -3.30
C ASN B 109 -16.29 5.16 -3.52
N LEU B 110 -15.76 5.00 -4.73
CA LEU B 110 -14.44 5.57 -5.04
C LEU B 110 -14.46 7.11 -5.14
N LEU B 111 -15.42 7.66 -5.87
CA LEU B 111 -15.52 9.12 -6.02
C LEU B 111 -15.70 9.81 -4.67
N GLN B 112 -16.56 9.26 -3.83
CA GLN B 112 -16.81 9.86 -2.52
C GLN B 112 -15.57 9.83 -1.63
N ARG B 113 -14.86 8.71 -1.64
CA ARG B 113 -13.66 8.54 -0.83
C ARG B 113 -12.53 9.48 -1.31
N LEU B 114 -12.24 9.45 -2.60
CA LEU B 114 -11.18 10.29 -3.14
C LEU B 114 -11.51 11.77 -3.01
N SER B 115 -12.77 12.13 -3.25
CA SER B 115 -13.18 13.52 -3.11
C SER B 115 -13.06 13.95 -1.64
N GLY B 116 -13.38 13.03 -0.73
CA GLY B 116 -13.28 13.35 0.69
C GLY B 116 -11.87 13.71 1.06
N ILE B 117 -10.90 12.94 0.54
CA ILE B 117 -9.49 13.18 0.80
C ILE B 117 -9.05 14.50 0.18
N ALA B 118 -9.43 14.73 -1.07
CA ALA B 118 -9.07 15.97 -1.74
C ALA B 118 -9.67 17.19 -1.04
N THR B 119 -10.88 17.03 -0.49
CA THR B 119 -11.54 18.14 0.20
C THR B 119 -10.79 18.55 1.46
N LEU B 120 -10.41 17.58 2.29
CA LEU B 120 -9.69 17.90 3.52
C LEU B 120 -8.30 18.41 3.18
N THR B 121 -7.67 17.84 2.16
CA THR B 121 -6.33 18.28 1.76
C THR B 121 -6.40 19.75 1.33
N ARG B 122 -7.37 20.07 0.48
CA ARG B 122 -7.54 21.45 0.01
C ARG B 122 -7.73 22.42 1.19
N ALA B 123 -8.46 22.00 2.22
CA ALA B 123 -8.65 22.85 3.39
C ALA B 123 -7.30 23.14 4.06
N TYR B 124 -6.47 22.11 4.17
CA TYR B 124 -5.14 22.29 4.78
C TYR B 124 -4.27 23.19 3.92
N VAL B 125 -4.27 22.93 2.61
CA VAL B 125 -3.46 23.72 1.70
C VAL B 125 -3.86 25.19 1.77
N GLU B 126 -5.16 25.48 1.73
CA GLU B 126 -5.62 26.86 1.78
C GLU B 126 -5.25 27.51 3.10
N ALA B 127 -5.20 26.71 4.17
CA ALA B 127 -4.84 27.24 5.49
C ALA B 127 -3.38 27.69 5.51
N LEU B 128 -2.57 27.12 4.63
CA LEU B 128 -1.15 27.47 4.55
C LEU B 128 -0.84 28.55 3.52
N ALA B 129 -1.88 29.11 2.91
CA ALA B 129 -1.68 30.16 1.92
C ALA B 129 -0.96 31.32 2.59
N GLY B 130 0.03 31.88 1.91
CA GLY B 130 0.76 32.98 2.50
C GLY B 130 2.09 32.51 3.05
N THR B 131 2.26 31.19 3.14
CA THR B 131 3.50 30.64 3.63
C THR B 131 4.11 29.78 2.54
N LYS B 132 5.37 29.43 2.69
CA LYS B 132 6.07 28.60 1.71
C LYS B 132 5.82 27.12 2.01
N ALA B 133 5.25 26.84 3.17
CA ALA B 133 4.99 25.47 3.59
C ALA B 133 4.10 24.66 2.65
N GLN B 134 4.44 23.39 2.48
CA GLN B 134 3.67 22.49 1.63
C GLN B 134 3.05 21.41 2.50
N ILE B 135 1.88 20.93 2.09
CA ILE B 135 1.24 19.83 2.79
C ILE B 135 1.69 18.47 2.25
N LEU B 136 2.06 17.55 3.17
CA LEU B 136 2.42 16.20 2.76
C LEU B 136 1.45 15.15 3.32
N ASP B 137 1.37 14.02 2.60
CA ASP B 137 0.64 12.89 3.12
C ASP B 137 1.53 11.96 3.96
N THR B 138 0.98 10.80 4.28
CA THR B 138 1.67 9.82 5.11
C THR B 138 1.38 8.40 4.62
N ARG B 139 1.72 7.40 5.43
CA ARG B 139 1.48 6.01 5.09
C ARG B 139 0.21 5.47 5.73
N LYS B 140 -0.58 6.36 6.34
CA LYS B 140 -1.83 5.97 6.98
C LYS B 140 -2.94 5.98 5.94
N THR B 141 -2.78 5.11 4.95
CA THR B 141 -3.69 4.98 3.84
C THR B 141 -4.50 3.68 3.90
N THR B 142 -5.58 3.63 3.13
CA THR B 142 -6.44 2.44 3.09
C THR B 142 -5.71 1.31 2.36
N PRO B 143 -5.59 0.13 3.02
CA PRO B 143 -4.91 -0.97 2.33
C PRO B 143 -5.50 -1.20 0.93
N GLY B 144 -4.61 -1.26 -0.06
CA GLY B 144 -5.02 -1.49 -1.44
C GLY B 144 -5.36 -0.23 -2.22
N LEU B 145 -5.53 0.89 -1.53
CA LEU B 145 -5.88 2.13 -2.20
C LEU B 145 -4.84 3.24 -2.12
N ARG B 146 -3.63 2.90 -1.66
CA ARG B 146 -2.60 3.93 -1.53
C ARG B 146 -2.35 4.82 -2.74
N ALA B 147 -2.15 4.21 -3.92
CA ALA B 147 -1.88 5.00 -5.11
C ALA B 147 -3.00 5.99 -5.39
N LEU B 148 -4.24 5.52 -5.27
CA LEU B 148 -5.41 6.35 -5.51
C LEU B 148 -5.55 7.47 -4.48
N GLU B 149 -5.26 7.15 -3.23
CA GLU B 149 -5.37 8.16 -2.18
C GLU B 149 -4.26 9.18 -2.27
N LYS B 150 -3.06 8.76 -2.70
CA LYS B 150 -1.95 9.69 -2.86
C LYS B 150 -2.32 10.62 -4.01
N TYR B 151 -3.03 10.09 -5.01
CA TYR B 151 -3.47 10.90 -6.14
C TYR B 151 -4.43 11.98 -5.63
N ALA B 152 -5.39 11.57 -4.80
CA ALA B 152 -6.38 12.47 -4.24
C ALA B 152 -5.72 13.63 -3.51
N VAL B 153 -4.64 13.34 -2.79
CA VAL B 153 -3.91 14.38 -2.08
C VAL B 153 -3.38 15.40 -3.08
N ARG B 154 -2.80 14.92 -4.18
CA ARG B 154 -2.27 15.84 -5.19
C ARG B 154 -3.39 16.71 -5.76
N VAL B 155 -4.55 16.11 -6.02
CA VAL B 155 -5.68 16.86 -6.55
C VAL B 155 -6.07 17.96 -5.57
N GLY B 156 -6.01 17.64 -4.28
CA GLY B 156 -6.36 18.61 -3.26
C GLY B 156 -5.36 19.74 -3.14
N GLY B 157 -4.16 19.53 -3.68
CA GLY B 157 -3.14 20.56 -3.63
C GLY B 157 -1.93 20.18 -2.79
N GLY B 158 -1.96 18.99 -2.20
CA GLY B 158 -0.85 18.56 -1.38
C GLY B 158 0.22 17.83 -2.17
N ARG B 159 1.31 17.48 -1.50
CA ARG B 159 2.41 16.75 -2.10
C ARG B 159 2.52 15.37 -1.46
N ASN B 160 3.19 14.46 -2.15
CA ASN B 160 3.34 13.11 -1.64
C ASN B 160 4.68 12.86 -0.97
N HIS B 161 4.63 12.18 0.17
CA HIS B 161 5.83 11.79 0.88
C HIS B 161 6.09 10.40 0.28
N ARG B 162 7.04 9.65 0.81
CA ARG B 162 7.35 8.33 0.26
C ARG B 162 6.11 7.43 0.10
N TYR B 163 6.16 6.55 -0.89
CA TYR B 163 5.04 5.65 -1.14
C TYR B 163 5.02 4.52 -0.13
N GLY B 164 6.18 4.16 0.39
CA GLY B 164 6.24 3.09 1.37
C GLY B 164 7.55 3.08 2.11
N LEU B 165 7.90 1.93 2.67
CA LEU B 165 9.15 1.76 3.40
C LEU B 165 10.32 1.48 2.48
N PHE B 166 10.02 1.26 1.20
CA PHE B 166 11.03 0.92 0.21
C PHE B 166 11.64 2.08 -0.58
N ASP B 167 10.99 3.25 -0.57
CA ASP B 167 11.51 4.37 -1.35
C ASP B 167 11.88 5.65 -0.59
N GLY B 168 12.02 5.54 0.72
CA GLY B 168 12.38 6.70 1.50
C GLY B 168 12.98 6.32 2.83
N ILE B 169 13.98 7.08 3.27
CA ILE B 169 14.61 6.81 4.54
C ILE B 169 14.04 7.74 5.60
N LEU B 170 13.33 7.16 6.56
CA LEU B 170 12.74 7.94 7.64
C LEU B 170 12.98 7.22 8.95
N LEU B 171 13.91 7.76 9.74
CA LEU B 171 14.22 7.18 11.04
C LEU B 171 13.16 7.65 12.04
N LYS B 172 12.33 6.73 12.49
CA LYS B 172 11.26 7.06 13.43
C LYS B 172 11.73 6.79 14.86
N GLU B 173 10.89 7.14 15.82
CA GLU B 173 11.22 6.93 17.23
C GLU B 173 11.72 5.51 17.48
N ASN B 174 11.05 4.52 16.90
CA ASN B 174 11.48 3.15 17.10
C ASN B 174 12.90 2.88 16.62
N HIS B 175 13.30 3.51 15.52
CA HIS B 175 14.66 3.31 15.00
C HIS B 175 15.65 4.00 15.95
N VAL B 176 15.27 5.15 16.48
CA VAL B 176 16.13 5.88 17.40
C VAL B 176 16.36 5.03 18.65
N ARG B 177 15.29 4.41 19.14
CA ARG B 177 15.36 3.56 20.32
C ARG B 177 16.29 2.38 20.03
N ALA B 178 16.13 1.78 18.86
CA ALA B 178 16.95 0.64 18.47
C ALA B 178 18.44 1.00 18.35
N ALA B 179 18.71 2.18 17.80
CA ALA B 179 20.08 2.63 17.60
C ALA B 179 20.73 3.16 18.88
N GLY B 180 19.91 3.53 19.86
CA GLY B 180 20.45 4.05 21.10
C GLY B 180 20.59 5.56 21.07
N GLY B 181 19.85 6.21 20.18
CA GLY B 181 19.90 7.65 20.08
C GLY B 181 19.84 8.21 18.68
N VAL B 182 19.39 9.45 18.56
CA VAL B 182 19.28 10.14 17.28
C VAL B 182 20.60 10.17 16.53
N GLY B 183 21.67 10.51 17.25
CA GLY B 183 22.98 10.57 16.63
C GLY B 183 23.39 9.25 16.01
N GLU B 184 23.30 8.18 16.79
CA GLU B 184 23.67 6.85 16.33
C GLU B 184 22.82 6.40 15.15
N ALA B 185 21.52 6.72 15.20
CA ALA B 185 20.61 6.34 14.13
C ALA B 185 20.94 7.07 12.83
N VAL B 186 21.18 8.38 12.92
CA VAL B 186 21.51 9.15 11.74
C VAL B 186 22.84 8.69 11.14
N ARG B 187 23.79 8.34 12.01
CA ARG B 187 25.10 7.89 11.55
C ARG B 187 25.07 6.49 10.95
N ARG B 188 24.32 5.56 11.54
CA ARG B 188 24.23 4.21 11.01
C ARG B 188 23.58 4.30 9.63
N ALA B 189 22.62 5.21 9.50
CA ALA B 189 21.89 5.41 8.26
C ALA B 189 22.75 6.02 7.16
N LYS B 190 23.37 7.16 7.43
CA LYS B 190 24.19 7.83 6.42
C LYS B 190 25.40 7.00 6.02
N ALA B 191 25.74 6.02 6.83
CA ALA B 191 26.89 5.15 6.57
C ALA B 191 26.64 4.13 5.46
N ARG B 192 25.39 3.72 5.28
CA ARG B 192 25.07 2.72 4.27
C ARG B 192 23.77 2.98 3.52
N ALA B 193 23.32 4.24 3.50
CA ALA B 193 22.09 4.59 2.82
C ALA B 193 22.28 4.81 1.33
N PRO B 194 21.25 4.49 0.53
CA PRO B 194 21.34 4.67 -0.92
C PRO B 194 21.77 6.11 -1.18
N HIS B 195 22.70 6.29 -2.12
CA HIS B 195 23.20 7.63 -2.42
C HIS B 195 22.19 8.55 -3.08
N TYR B 196 21.07 8.00 -3.54
CA TYR B 196 20.05 8.81 -4.19
C TYR B 196 18.92 9.21 -3.25
N LEU B 197 19.02 8.82 -1.98
CA LEU B 197 17.99 9.14 -0.99
C LEU B 197 18.52 10.04 0.13
N LYS B 198 17.65 10.90 0.65
CA LYS B 198 18.03 11.78 1.73
C LYS B 198 17.70 11.11 3.06
N VAL B 199 18.52 11.35 4.08
CA VAL B 199 18.28 10.74 5.37
C VAL B 199 17.45 11.66 6.25
N GLU B 200 16.19 11.30 6.45
CA GLU B 200 15.33 12.10 7.30
C GLU B 200 15.22 11.41 8.65
N VAL B 201 15.13 12.19 9.71
CA VAL B 201 15.01 11.63 11.03
C VAL B 201 13.98 12.39 11.83
N GLU B 202 13.21 11.66 12.64
CA GLU B 202 12.19 12.28 13.47
C GLU B 202 12.85 12.61 14.81
N VAL B 203 12.53 13.79 15.34
CA VAL B 203 13.07 14.22 16.63
C VAL B 203 11.88 14.67 17.47
N ARG B 204 11.96 14.44 18.78
CA ARG B 204 10.86 14.80 19.66
C ARG B 204 11.20 15.86 20.69
N SER B 205 12.40 16.42 20.61
CA SER B 205 12.83 17.45 21.55
C SER B 205 13.92 18.30 20.92
N LEU B 206 14.17 19.48 21.47
CA LEU B 206 15.20 20.36 20.93
C LEU B 206 16.59 19.76 21.04
N GLU B 207 16.79 18.89 22.02
CA GLU B 207 18.09 18.26 22.20
C GLU B 207 18.32 17.26 21.07
N GLU B 208 17.27 16.51 20.71
CA GLU B 208 17.38 15.54 19.63
C GLU B 208 17.59 16.30 18.32
N LEU B 209 16.98 17.47 18.21
CA LEU B 209 17.13 18.31 17.03
C LEU B 209 18.62 18.60 16.86
N GLU B 210 19.26 18.99 17.96
CA GLU B 210 20.68 19.30 17.96
C GLU B 210 21.50 18.09 17.54
N GLU B 211 21.13 16.91 18.05
CA GLU B 211 21.79 15.66 17.70
C GLU B 211 21.72 15.41 16.20
N ALA B 212 20.52 15.61 15.68
CA ALA B 212 20.24 15.39 14.27
C ALA B 212 21.11 16.29 13.40
N LEU B 213 21.15 17.57 13.74
CA LEU B 213 21.95 18.55 13.01
C LEU B 213 23.43 18.19 13.12
N GLU B 214 23.85 17.73 14.29
CA GLU B 214 25.24 17.36 14.54
C GLU B 214 25.63 16.08 13.81
N ALA B 215 24.68 15.15 13.68
CA ALA B 215 24.95 13.88 13.01
C ALA B 215 24.91 14.00 11.49
N GLY B 216 24.39 15.11 10.98
CA GLY B 216 24.34 15.32 9.54
C GLY B 216 23.07 14.93 8.81
N ALA B 217 21.93 14.90 9.51
CA ALA B 217 20.66 14.55 8.87
C ALA B 217 20.38 15.50 7.71
N ASP B 218 19.82 14.97 6.62
CA ASP B 218 19.49 15.77 5.45
C ASP B 218 18.12 16.42 5.62
N LEU B 219 17.26 15.77 6.39
CA LEU B 219 15.91 16.25 6.64
C LEU B 219 15.58 15.93 8.08
N ILE B 220 14.84 16.82 8.72
CA ILE B 220 14.47 16.60 10.10
C ILE B 220 12.96 16.78 10.29
N LEU B 221 12.34 15.79 10.91
CA LEU B 221 10.91 15.81 11.16
C LEU B 221 10.67 16.12 12.63
N LEU B 222 9.94 17.21 12.89
CA LEU B 222 9.61 17.62 14.25
C LEU B 222 8.32 16.91 14.65
N ASP B 223 8.46 15.87 15.45
CA ASP B 223 7.33 15.06 15.90
C ASP B 223 6.63 15.58 17.16
N ASN B 224 5.40 16.07 16.99
CA ASN B 224 4.56 16.56 18.10
C ASN B 224 5.26 17.65 18.96
N PHE B 225 5.85 18.64 18.29
CA PHE B 225 6.50 19.73 19.00
C PHE B 225 5.47 20.78 19.40
N PRO B 226 5.55 21.31 20.63
CA PRO B 226 4.57 22.33 20.99
C PRO B 226 4.92 23.50 20.07
N LEU B 227 3.99 24.42 19.86
CA LEU B 227 4.23 25.56 18.98
C LEU B 227 5.46 26.38 19.37
N GLU B 228 5.63 26.61 20.67
CA GLU B 228 6.76 27.39 21.12
C GLU B 228 8.10 26.73 20.77
N ALA B 229 8.16 25.41 20.91
CA ALA B 229 9.37 24.65 20.61
C ALA B 229 9.62 24.60 19.10
N LEU B 230 8.53 24.60 18.34
CA LEU B 230 8.61 24.55 16.89
C LEU B 230 9.25 25.84 16.38
N ARG B 231 8.82 26.97 16.93
CA ARG B 231 9.37 28.27 16.54
C ARG B 231 10.87 28.31 16.86
N GLU B 232 11.23 27.80 18.03
CA GLU B 232 12.62 27.78 18.46
C GLU B 232 13.43 26.86 17.56
N ALA B 233 12.82 25.77 17.10
CA ALA B 233 13.52 24.84 16.22
C ALA B 233 13.81 25.53 14.89
N VAL B 234 12.83 26.23 14.36
CA VAL B 234 13.02 26.93 13.09
C VAL B 234 14.18 27.93 13.21
N ARG B 235 14.19 28.66 14.32
CA ARG B 235 15.23 29.67 14.57
C ARG B 235 16.61 29.03 14.63
N ARG B 236 16.74 27.96 15.42
CA ARG B 236 18.02 27.28 15.57
C ARG B 236 18.55 26.70 14.27
N VAL B 237 17.69 26.06 13.50
CA VAL B 237 18.10 25.47 12.23
C VAL B 237 18.50 26.54 11.22
N GLY B 238 17.88 27.71 11.33
CA GLY B 238 18.20 28.81 10.43
C GLY B 238 18.25 28.46 8.96
N GLY B 239 17.32 27.63 8.51
CA GLY B 239 17.27 27.25 7.10
C GLY B 239 18.39 26.35 6.59
N ARG B 240 19.19 25.80 7.50
CA ARG B 240 20.29 24.93 7.10
C ARG B 240 19.79 23.61 6.49
N VAL B 241 18.72 23.07 7.06
CA VAL B 241 18.13 21.84 6.54
C VAL B 241 16.61 21.99 6.55
N PRO B 242 15.92 21.33 5.60
CA PRO B 242 14.46 21.42 5.55
C PRO B 242 13.83 20.83 6.81
N LEU B 243 12.77 21.46 7.30
CA LEU B 243 12.09 20.97 8.49
C LEU B 243 10.67 20.53 8.16
N GLU B 244 10.31 19.34 8.63
CA GLU B 244 8.97 18.80 8.43
C GLU B 244 8.31 18.70 9.80
N ALA B 245 7.05 19.10 9.89
CA ALA B 245 6.33 19.02 11.16
C ALA B 245 5.21 17.99 10.99
N SER B 246 5.01 17.16 12.01
CA SER B 246 3.96 16.15 11.95
C SER B 246 3.54 15.73 13.37
N GLY B 247 2.47 14.95 13.45
CA GLY B 247 2.00 14.51 14.75
C GLY B 247 0.75 15.24 15.25
N ASN B 248 -0.37 14.52 15.30
CA ASN B 248 -1.64 15.08 15.76
C ASN B 248 -1.94 16.41 15.10
N MET B 249 -1.74 16.50 13.79
CA MET B 249 -1.99 17.73 13.06
C MET B 249 -3.47 18.04 12.85
N THR B 250 -3.82 19.31 13.02
CA THR B 250 -5.17 19.79 12.81
C THR B 250 -4.96 20.97 11.88
N LEU B 251 -6.05 21.52 11.33
CA LEU B 251 -5.93 22.67 10.44
C LEU B 251 -5.17 23.81 11.14
N GLU B 252 -5.59 24.12 12.36
CA GLU B 252 -4.97 25.19 13.14
C GLU B 252 -3.48 24.96 13.40
N ARG B 253 -3.13 23.71 13.72
CA ARG B 253 -1.74 23.38 14.02
C ARG B 253 -0.84 23.41 12.79
N ALA B 254 -1.38 22.98 11.66
CA ALA B 254 -0.61 22.99 10.42
C ALA B 254 -0.35 24.44 10.05
N LYS B 255 -1.38 25.28 10.19
CA LYS B 255 -1.26 26.68 9.86
C LYS B 255 -0.21 27.34 10.76
N ALA B 256 -0.30 27.09 12.06
CA ALA B 256 0.65 27.66 13.00
C ALA B 256 2.06 27.23 12.66
N ALA B 257 2.25 25.94 12.43
CA ALA B 257 3.57 25.40 12.10
C ALA B 257 4.13 26.08 10.86
N ALA B 258 3.27 26.32 9.87
CA ALA B 258 3.68 26.97 8.64
C ALA B 258 4.11 28.41 8.89
N GLU B 259 3.31 29.14 9.66
CA GLU B 259 3.63 30.53 9.96
C GLU B 259 4.90 30.58 10.81
N ALA B 260 5.13 29.54 11.60
CA ALA B 260 6.33 29.47 12.44
C ALA B 260 7.56 29.32 11.54
N GLY B 261 7.35 28.83 10.31
CA GLY B 261 8.46 28.70 9.39
C GLY B 261 8.92 27.33 8.92
N VAL B 262 8.18 26.26 9.23
CA VAL B 262 8.61 24.94 8.77
C VAL B 262 8.40 24.88 7.26
N ASP B 263 9.09 23.94 6.61
CA ASP B 263 8.99 23.80 5.17
C ASP B 263 7.90 22.81 4.74
N TYR B 264 7.65 21.83 5.59
CA TYR B 264 6.66 20.80 5.29
C TYR B 264 5.83 20.41 6.49
N VAL B 265 4.58 20.05 6.23
CA VAL B 265 3.68 19.61 7.28
C VAL B 265 3.03 18.32 6.76
N SER B 266 3.37 17.17 7.34
CA SER B 266 2.75 15.93 6.90
C SER B 266 1.54 15.68 7.79
N VAL B 267 0.41 15.36 7.16
CA VAL B 267 -0.86 15.20 7.87
C VAL B 267 -1.50 13.82 7.71
N GLY B 268 -1.52 13.06 8.80
CA GLY B 268 -2.12 11.75 8.73
C GLY B 268 -3.61 11.79 8.46
N ALA B 269 -4.26 12.82 8.98
CA ALA B 269 -5.71 12.98 8.83
C ALA B 269 -6.23 13.00 7.40
N LEU B 270 -5.41 13.45 6.46
CA LEU B 270 -5.82 13.52 5.06
C LEU B 270 -6.33 12.19 4.54
N THR B 271 -5.77 11.10 5.04
CA THR B 271 -6.16 9.78 4.58
C THR B 271 -6.62 8.86 5.70
N HIS B 272 -6.36 9.24 6.95
CA HIS B 272 -6.76 8.39 8.08
C HIS B 272 -8.11 8.77 8.67
N SER B 273 -8.51 10.02 8.53
CA SER B 273 -9.79 10.46 9.09
C SER B 273 -10.49 11.50 8.24
N ALA B 274 -10.51 11.28 6.93
CA ALA B 274 -11.17 12.20 6.03
C ALA B 274 -12.55 11.63 5.76
N LYS B 275 -13.59 12.41 6.04
CA LYS B 275 -14.96 11.95 5.82
C LYS B 275 -15.21 11.95 4.31
N ALA B 276 -15.87 10.91 3.83
CA ALA B 276 -16.17 10.84 2.41
C ALA B 276 -17.09 12.01 2.02
N LEU B 277 -17.00 12.44 0.76
CA LEU B 277 -17.86 13.52 0.30
C LEU B 277 -19.18 12.85 -0.07
N ASP B 278 -20.30 13.38 0.41
CA ASP B 278 -21.60 12.78 0.10
C ASP B 278 -22.01 13.09 -1.34
N LEU B 279 -22.14 12.05 -2.15
CA LEU B 279 -22.53 12.17 -3.56
C LEU B 279 -23.57 11.09 -3.84
N SER B 280 -24.41 11.31 -4.85
CA SER B 280 -25.41 10.32 -5.20
C SER B 280 -25.55 10.27 -6.72
N LEU B 281 -26.18 9.21 -7.22
CA LEU B 281 -26.40 9.06 -8.66
C LEU B 281 -27.89 8.86 -8.83
N LEU B 282 -28.51 9.73 -9.62
CA LEU B 282 -29.94 9.65 -9.84
C LEU B 282 -30.27 9.47 -11.32
N VAL B 283 -31.05 8.44 -11.61
CA VAL B 283 -31.45 8.14 -12.98
C VAL B 283 -32.44 9.17 -13.49
N VAL B 284 -32.27 9.60 -14.73
CA VAL B 284 -33.20 10.55 -15.34
C VAL B 284 -34.42 9.75 -15.79
N ARG B 285 -35.59 10.12 -15.28
CA ARG B 285 -36.84 9.42 -15.62
C ARG B 285 -37.07 9.22 -17.12
N PRO B 286 -37.19 7.96 -17.56
CA PRO B 286 -37.40 7.66 -18.97
C PRO B 286 -38.68 8.33 -19.52
N TRP C 10 11.41 -14.37 0.95
CA TRP C 10 11.44 -12.94 1.34
C TRP C 10 10.04 -12.35 1.24
N GLN C 11 9.75 -11.39 2.11
CA GLN C 11 8.45 -10.71 2.15
C GLN C 11 8.11 -10.02 0.82
N GLY C 12 9.01 -10.15 -0.16
CA GLY C 12 8.78 -9.53 -1.45
C GLY C 12 8.13 -10.45 -2.47
N GLY C 13 7.50 -11.51 -2.01
CA GLY C 13 6.84 -12.44 -2.92
C GLY C 13 7.77 -13.41 -3.62
N LEU C 14 8.91 -13.70 -3.01
CA LEU C 14 9.87 -14.63 -3.61
C LEU C 14 9.26 -16.03 -3.71
N GLU C 15 8.46 -16.39 -2.70
CA GLU C 15 7.82 -17.70 -2.67
C GLU C 15 7.00 -17.94 -3.93
N GLU C 16 6.15 -16.97 -4.28
CA GLU C 16 5.32 -17.09 -5.47
C GLU C 16 6.17 -17.20 -6.73
N ALA C 17 7.29 -16.49 -6.75
CA ALA C 17 8.19 -16.52 -7.90
C ALA C 17 8.80 -17.91 -8.03
N LEU C 18 9.32 -18.42 -6.91
CA LEU C 18 9.94 -19.74 -6.89
C LEU C 18 8.97 -20.83 -7.34
N ARG C 19 7.74 -20.76 -6.85
CA ARG C 19 6.73 -21.74 -7.21
C ARG C 19 6.49 -21.69 -8.72
N ALA C 20 6.39 -20.48 -9.25
CA ALA C 20 6.18 -20.30 -10.68
C ALA C 20 7.34 -20.82 -11.50
N TRP C 21 8.57 -20.59 -11.01
CA TRP C 21 9.74 -21.05 -11.74
C TRP C 21 9.89 -22.56 -11.67
N LEU C 22 9.43 -23.13 -10.57
CA LEU C 22 9.50 -24.58 -10.40
C LEU C 22 8.51 -25.22 -11.37
N ARG C 23 7.35 -24.59 -11.55
CA ARG C 23 6.33 -25.10 -12.45
C ARG C 23 6.77 -24.97 -13.90
N GLU C 24 7.53 -23.92 -14.19
CA GLU C 24 8.05 -23.71 -15.54
C GLU C 24 8.86 -24.94 -15.96
N ASP C 25 9.50 -25.57 -14.98
CA ASP C 25 10.34 -26.74 -15.22
C ASP C 25 9.66 -28.09 -15.02
N LEU C 26 8.80 -28.20 -14.02
CA LEU C 26 8.12 -29.46 -13.71
C LEU C 26 6.85 -29.78 -14.50
N GLY C 27 6.03 -28.77 -14.76
CA GLY C 27 4.80 -29.01 -15.49
C GLY C 27 3.98 -30.12 -14.85
N GLN C 28 3.47 -31.04 -15.68
CA GLN C 28 2.66 -32.16 -15.22
C GLN C 28 3.41 -33.07 -14.26
N GLY C 29 4.75 -33.00 -14.30
CA GLY C 29 5.55 -33.82 -13.42
C GLY C 29 6.88 -34.23 -14.02
N ASP C 30 7.83 -34.58 -13.16
CA ASP C 30 9.15 -35.02 -13.61
C ASP C 30 9.04 -36.45 -14.11
N LEU C 31 8.65 -36.59 -15.37
CA LEU C 31 8.47 -37.90 -16.00
C LEU C 31 9.60 -38.90 -15.77
N THR C 32 10.82 -38.47 -16.07
CA THR C 32 11.99 -39.34 -15.91
C THR C 32 12.09 -39.98 -14.53
N SER C 33 12.03 -39.16 -13.50
CA SER C 33 12.15 -39.66 -12.13
C SER C 33 10.98 -40.54 -11.74
N LEU C 34 9.80 -40.29 -12.29
CA LEU C 34 8.63 -41.10 -11.97
C LEU C 34 8.78 -42.49 -12.57
N LEU C 35 9.52 -42.56 -13.68
CA LEU C 35 9.76 -43.82 -14.39
C LEU C 35 10.82 -44.73 -13.77
N VAL C 36 11.85 -44.13 -13.17
CA VAL C 36 12.93 -44.92 -12.59
C VAL C 36 13.21 -44.75 -11.10
N VAL C 37 12.57 -43.76 -10.46
CA VAL C 37 12.81 -43.53 -9.04
C VAL C 37 11.59 -43.82 -8.18
N PRO C 38 11.74 -44.74 -7.20
CA PRO C 38 10.65 -45.12 -6.29
C PRO C 38 10.12 -43.92 -5.49
N GLU C 39 8.83 -43.95 -5.20
CA GLU C 39 8.18 -42.88 -4.44
C GLU C 39 8.59 -42.90 -2.97
N ASP C 40 8.97 -44.08 -2.49
CA ASP C 40 9.37 -44.24 -1.09
C ASP C 40 10.88 -44.14 -0.85
N LEU C 41 11.65 -44.14 -1.93
CA LEU C 41 13.11 -44.06 -1.83
C LEU C 41 13.63 -42.65 -1.54
N GLU C 42 14.22 -42.47 -0.36
CA GLU C 42 14.77 -41.17 -0.01
C GLU C 42 16.30 -41.26 0.00
N GLY C 43 16.95 -40.31 -0.67
CA GLY C 43 18.40 -40.32 -0.71
C GLY C 43 19.01 -39.05 -0.18
N GLU C 44 20.31 -38.93 -0.36
CA GLU C 44 21.04 -37.75 0.09
C GLU C 44 21.92 -37.26 -1.06
N ALA C 45 21.99 -35.94 -1.23
CA ALA C 45 22.77 -35.34 -2.28
C ALA C 45 23.69 -34.26 -1.71
N VAL C 46 24.64 -33.81 -2.52
CA VAL C 46 25.57 -32.78 -2.08
C VAL C 46 25.83 -31.79 -3.21
N ILE C 47 25.83 -30.50 -2.87
CA ILE C 47 26.08 -29.46 -3.86
C ILE C 47 27.58 -29.23 -3.92
N LEU C 48 28.14 -29.27 -5.12
CA LEU C 48 29.57 -29.08 -5.30
C LEU C 48 29.91 -27.90 -6.18
N ALA C 49 30.97 -27.19 -5.79
CA ALA C 49 31.43 -26.03 -6.54
C ALA C 49 32.58 -26.45 -7.43
N LYS C 50 32.28 -26.77 -8.69
CA LYS C 50 33.31 -27.18 -9.62
C LYS C 50 34.06 -25.98 -10.17
N GLU C 51 34.37 -25.04 -9.29
CA GLU C 51 35.08 -23.82 -9.67
C GLU C 51 35.34 -22.99 -8.42
N GLY C 52 36.13 -21.93 -8.57
CA GLY C 52 36.42 -21.06 -7.45
C GLY C 52 35.63 -19.77 -7.54
N GLY C 53 35.06 -19.33 -6.42
CA GLY C 53 34.29 -18.09 -6.43
C GLY C 53 33.56 -17.82 -5.13
N VAL C 54 32.60 -16.90 -5.17
CA VAL C 54 31.82 -16.53 -4.01
C VAL C 54 30.43 -17.16 -4.06
N LEU C 55 30.02 -17.76 -2.95
CA LEU C 55 28.72 -18.42 -2.88
C LEU C 55 27.60 -17.46 -2.47
N ALA C 56 26.51 -17.48 -3.24
CA ALA C 56 25.35 -16.61 -2.96
C ALA C 56 24.05 -17.26 -3.43
N GLY C 57 23.08 -17.33 -2.53
CA GLY C 57 21.80 -17.91 -2.89
C GLY C 57 21.47 -19.20 -2.18
N LEU C 58 22.26 -19.56 -1.17
CA LEU C 58 22.03 -20.79 -0.43
C LEU C 58 20.62 -20.90 0.11
N TRP C 59 20.15 -19.84 0.75
CA TRP C 59 18.80 -19.85 1.31
C TRP C 59 17.75 -19.92 0.21
N VAL C 60 18.10 -19.44 -0.99
CA VAL C 60 17.17 -19.48 -2.11
C VAL C 60 17.04 -20.93 -2.57
N ALA C 61 18.17 -21.62 -2.67
CA ALA C 61 18.17 -23.01 -3.08
C ALA C 61 17.41 -23.86 -2.07
N GLU C 62 17.61 -23.57 -0.79
CA GLU C 62 16.94 -24.30 0.28
C GLU C 62 15.42 -24.14 0.21
N ARG C 63 14.98 -22.98 -0.27
CA ARG C 63 13.54 -22.81 -0.36
C ARG C 63 13.00 -23.48 -1.60
N VAL C 64 13.83 -23.65 -2.63
CA VAL C 64 13.41 -24.38 -3.83
C VAL C 64 13.13 -25.83 -3.47
N PHE C 65 14.03 -26.44 -2.71
CA PHE C 65 13.86 -27.84 -2.31
C PHE C 65 12.67 -28.00 -1.38
N ALA C 66 12.48 -27.05 -0.47
CA ALA C 66 11.37 -27.10 0.46
C ALA C 66 10.06 -27.04 -0.30
N LEU C 67 10.02 -26.23 -1.36
CA LEU C 67 8.82 -26.10 -2.18
C LEU C 67 8.61 -27.32 -3.06
N ALA C 68 9.71 -27.93 -3.51
CA ALA C 68 9.62 -29.14 -4.33
C ALA C 68 9.02 -30.25 -3.47
N ASP C 69 9.60 -30.44 -2.29
CA ASP C 69 9.13 -31.45 -1.34
C ASP C 69 9.49 -30.94 0.05
N PRO C 70 8.47 -30.52 0.82
CA PRO C 70 8.67 -30.00 2.18
C PRO C 70 9.43 -30.94 3.12
N ARG C 71 9.44 -32.23 2.79
CA ARG C 71 10.14 -33.21 3.61
C ARG C 71 11.64 -33.24 3.37
N THR C 72 12.14 -32.35 2.51
CA THR C 72 13.57 -32.31 2.23
C THR C 72 14.32 -31.54 3.31
N ALA C 73 15.50 -32.05 3.67
CA ALA C 73 16.32 -31.42 4.70
C ALA C 73 17.56 -30.81 4.06
N PHE C 74 17.63 -29.48 4.08
CA PHE C 74 18.75 -28.76 3.49
C PHE C 74 19.74 -28.35 4.59
N THR C 75 21.02 -28.66 4.37
CA THR C 75 22.05 -28.33 5.34
C THR C 75 23.22 -27.61 4.69
N PRO C 76 23.30 -26.28 4.85
CA PRO C 76 24.36 -25.49 4.28
C PRO C 76 25.66 -25.78 5.01
N LEU C 77 26.74 -26.01 4.23
CA LEU C 77 28.02 -26.34 4.87
C LEU C 77 28.95 -25.12 4.95
N VAL C 78 28.67 -24.12 4.09
CA VAL C 78 29.46 -22.88 4.15
C VAL C 78 28.55 -21.65 4.20
N ALA C 79 29.04 -20.62 4.93
CA ALA C 79 28.23 -19.41 5.09
C ALA C 79 28.03 -18.67 3.76
N GLU C 80 26.88 -18.01 3.66
CA GLU C 80 26.57 -17.25 2.46
C GLU C 80 27.60 -16.15 2.24
N GLY C 81 28.02 -16.00 0.95
CA GLY C 81 28.97 -14.95 0.65
C GLY C 81 30.43 -15.45 0.78
N ALA C 82 30.60 -16.58 1.50
CA ALA C 82 31.95 -17.11 1.69
C ALA C 82 32.56 -17.54 0.34
N ARG C 83 33.88 -17.31 0.22
CA ARG C 83 34.57 -17.71 -1.01
C ARG C 83 34.92 -19.20 -0.95
N VAL C 84 34.57 -19.91 -2.04
CA VAL C 84 34.84 -21.35 -2.08
C VAL C 84 35.78 -21.72 -3.23
N ALA C 85 36.33 -22.95 -3.10
CA ALA C 85 37.20 -23.48 -4.13
C ALA C 85 36.64 -24.79 -4.67
N GLU C 86 37.17 -25.22 -5.83
CA GLU C 86 36.70 -26.45 -6.45
C GLU C 86 36.58 -27.58 -5.43
N GLY C 87 35.47 -28.34 -5.54
CA GLY C 87 35.31 -29.52 -4.70
C GLY C 87 34.67 -29.22 -3.34
N THR C 88 34.58 -27.91 -2.99
CA THR C 88 33.99 -27.57 -1.68
C THR C 88 32.52 -27.99 -1.60
N GLU C 89 32.20 -28.79 -0.56
CA GLU C 89 30.78 -29.10 -0.32
C GLU C 89 30.02 -27.89 0.23
N VAL C 90 29.25 -27.25 -0.67
CA VAL C 90 28.51 -26.06 -0.25
C VAL C 90 27.35 -26.44 0.66
N ALA C 91 26.65 -27.53 0.36
CA ALA C 91 25.51 -27.94 1.16
C ALA C 91 25.10 -29.37 0.85
N ARG C 92 24.35 -29.96 1.78
CA ARG C 92 23.87 -31.33 1.61
C ARG C 92 22.37 -31.39 1.87
N VAL C 93 21.66 -32.03 0.96
CA VAL C 93 20.21 -32.17 1.08
C VAL C 93 19.85 -33.65 1.27
N ARG C 94 18.90 -33.91 2.16
CA ARG C 94 18.48 -35.26 2.53
C ARG C 94 16.96 -35.40 2.49
N GLY C 95 16.45 -36.53 2.00
CA GLY C 95 15.02 -36.75 2.00
C GLY C 95 14.59 -37.42 0.70
N PRO C 96 13.27 -37.48 0.41
CA PRO C 96 12.77 -38.10 -0.82
C PRO C 96 13.59 -37.68 -2.03
N LEU C 97 14.27 -38.65 -2.64
CA LEU C 97 15.12 -38.40 -3.80
C LEU C 97 14.38 -37.78 -4.99
N ARG C 98 13.08 -38.06 -5.12
CA ARG C 98 12.30 -37.48 -6.22
C ARG C 98 12.24 -35.97 -6.05
N GLY C 99 11.99 -35.52 -4.83
CA GLY C 99 11.91 -34.10 -4.56
C GLY C 99 13.22 -33.39 -4.86
N ILE C 100 14.33 -34.05 -4.55
CA ILE C 100 15.63 -33.47 -4.79
C ILE C 100 15.92 -33.35 -6.27
N LEU C 101 15.63 -34.40 -7.03
CA LEU C 101 15.86 -34.38 -8.46
C LEU C 101 14.94 -33.38 -9.15
N ALA C 102 13.78 -33.15 -8.54
CA ALA C 102 12.79 -32.21 -9.07
C ALA C 102 13.23 -30.76 -8.95
N GLY C 103 13.79 -30.39 -7.80
CA GLY C 103 14.22 -29.02 -7.60
C GLY C 103 15.67 -28.76 -7.99
N GLU C 104 16.41 -29.82 -8.29
CA GLU C 104 17.81 -29.72 -8.67
C GLU C 104 18.17 -28.61 -9.65
N ARG C 105 17.61 -28.68 -10.85
CA ARG C 105 17.89 -27.73 -11.91
C ARG C 105 17.58 -26.26 -11.57
N LEU C 106 16.43 -26.00 -10.96
CA LEU C 106 16.07 -24.63 -10.60
C LEU C 106 16.97 -24.13 -9.48
N ALA C 107 17.20 -24.98 -8.48
CA ALA C 107 18.05 -24.62 -7.35
C ALA C 107 19.44 -24.21 -7.83
N LEU C 108 19.98 -24.95 -8.79
CA LEU C 108 21.31 -24.68 -9.34
C LEU C 108 21.34 -23.46 -10.27
N ASN C 109 20.35 -23.32 -11.14
CA ASN C 109 20.32 -22.17 -12.05
C ASN C 109 20.41 -20.88 -11.25
N LEU C 110 19.77 -20.88 -10.09
CA LEU C 110 19.76 -19.72 -9.20
C LEU C 110 21.07 -19.59 -8.45
N LEU C 111 21.46 -20.67 -7.77
CA LEU C 111 22.70 -20.67 -7.00
C LEU C 111 23.86 -20.28 -7.90
N GLN C 112 23.94 -20.89 -9.08
CA GLN C 112 25.00 -20.59 -10.03
C GLN C 112 24.94 -19.13 -10.50
N ARG C 113 23.75 -18.70 -10.90
CA ARG C 113 23.55 -17.34 -11.37
C ARG C 113 23.87 -16.29 -10.30
N LEU C 114 23.29 -16.46 -9.12
CA LEU C 114 23.52 -15.52 -8.03
C LEU C 114 24.94 -15.61 -7.49
N SER C 115 25.52 -16.81 -7.50
CA SER C 115 26.88 -16.97 -7.01
C SER C 115 27.82 -16.30 -8.00
N GLY C 116 27.47 -16.36 -9.27
CA GLY C 116 28.30 -15.74 -10.30
C GLY C 116 28.38 -14.24 -10.09
N ILE C 117 27.25 -13.63 -9.77
CA ILE C 117 27.20 -12.19 -9.55
C ILE C 117 27.94 -11.83 -8.26
N ALA C 118 27.75 -12.62 -7.21
CA ALA C 118 28.41 -12.36 -5.94
C ALA C 118 29.91 -12.54 -6.11
N THR C 119 30.30 -13.47 -6.96
CA THR C 119 31.72 -13.72 -7.22
C THR C 119 32.35 -12.56 -7.99
N LEU C 120 31.70 -12.20 -9.13
CA LEU C 120 32.23 -11.12 -9.95
C LEU C 120 32.21 -9.76 -9.23
N THR C 121 31.18 -9.53 -8.40
CA THR C 121 31.15 -8.30 -7.62
C THR C 121 32.37 -8.09 -6.68
N ARG C 122 32.76 -9.13 -5.88
CA ARG C 122 33.95 -8.95 -5.00
C ARG C 122 35.22 -8.79 -5.83
N ALA C 123 35.13 -9.28 -7.06
CA ALA C 123 36.18 -8.97 -8.00
C ALA C 123 36.43 -7.45 -8.00
N TYR C 124 35.34 -6.70 -8.25
CA TYR C 124 35.48 -5.23 -8.32
C TYR C 124 35.81 -4.67 -6.92
N VAL C 125 35.06 -5.10 -5.92
CA VAL C 125 35.26 -4.63 -4.55
C VAL C 125 36.72 -4.76 -4.16
N GLU C 126 37.33 -5.90 -4.49
CA GLU C 126 38.74 -6.13 -4.18
C GLU C 126 39.60 -5.33 -5.14
N ALA C 127 39.15 -5.22 -6.38
CA ALA C 127 39.87 -4.49 -7.41
C ALA C 127 40.20 -3.08 -6.95
N LEU C 128 39.20 -2.21 -6.98
CA LEU C 128 39.40 -0.83 -6.57
C LEU C 128 39.51 -0.64 -5.06
N ALA C 129 39.93 -1.69 -4.37
CA ALA C 129 40.09 -1.64 -2.92
C ALA C 129 41.20 -0.65 -2.57
N GLY C 130 41.31 -0.30 -1.30
CA GLY C 130 42.32 0.65 -0.87
C GLY C 130 41.81 2.07 -0.95
N THR C 131 40.86 2.30 -1.86
CA THR C 131 40.28 3.62 -2.03
C THR C 131 38.98 3.73 -1.23
N LYS C 132 38.15 4.70 -1.58
CA LYS C 132 36.88 4.90 -0.90
C LYS C 132 35.71 4.55 -1.80
N ALA C 133 36.00 4.41 -3.10
CA ALA C 133 34.99 4.09 -4.09
C ALA C 133 34.23 2.81 -3.75
N GLN C 134 32.93 2.83 -3.97
CA GLN C 134 32.09 1.67 -3.70
C GLN C 134 31.39 1.26 -5.00
N ILE C 135 31.27 -0.05 -5.20
CA ILE C 135 30.64 -0.57 -6.41
C ILE C 135 29.11 -0.54 -6.30
N LEU C 136 28.46 -0.11 -7.38
CA LEU C 136 27.01 -0.04 -7.46
C LEU C 136 26.52 -0.78 -8.69
N ASP C 137 25.29 -1.28 -8.64
CA ASP C 137 24.69 -1.99 -9.75
C ASP C 137 23.93 -0.99 -10.63
N THR C 138 23.07 -1.50 -11.50
CA THR C 138 22.26 -0.67 -12.40
C THR C 138 20.90 -1.32 -12.60
N ARG C 139 20.16 -0.85 -13.60
CA ARG C 139 18.85 -1.42 -13.91
C ARG C 139 18.92 -2.39 -15.08
N LYS C 140 20.15 -2.66 -15.53
CA LYS C 140 20.35 -3.61 -16.63
C LYS C 140 20.38 -4.99 -16.00
N THR C 141 19.26 -5.38 -15.41
CA THR C 141 19.12 -6.68 -14.74
C THR C 141 18.21 -7.60 -15.55
N THR C 142 18.17 -8.87 -15.13
CA THR C 142 17.33 -9.86 -15.81
C THR C 142 15.86 -9.65 -15.43
N PRO C 143 14.99 -9.43 -16.43
CA PRO C 143 13.56 -9.23 -16.17
C PRO C 143 13.01 -10.23 -15.17
N GLY C 144 12.43 -9.73 -14.08
CA GLY C 144 11.86 -10.59 -13.07
C GLY C 144 12.82 -11.08 -12.00
N LEU C 145 14.11 -10.83 -12.20
CA LEU C 145 15.12 -11.27 -11.24
C LEU C 145 15.87 -10.14 -10.55
N ARG C 146 15.42 -8.91 -10.78
CA ARG C 146 16.09 -7.75 -10.19
C ARG C 146 16.36 -7.86 -8.70
N ALA C 147 15.33 -8.15 -7.91
CA ALA C 147 15.48 -8.27 -6.47
C ALA C 147 16.58 -9.25 -6.08
N LEU C 148 16.55 -10.43 -6.69
CA LEU C 148 17.54 -11.47 -6.40
C LEU C 148 18.94 -11.09 -6.86
N GLU C 149 19.04 -10.45 -8.02
CA GLU C 149 20.32 -10.05 -8.55
C GLU C 149 20.92 -8.90 -7.74
N LYS C 150 20.09 -7.94 -7.35
CA LYS C 150 20.57 -6.83 -6.55
C LYS C 150 21.07 -7.36 -5.22
N TYR C 151 20.47 -8.47 -4.78
CA TYR C 151 20.87 -9.11 -3.53
C TYR C 151 22.25 -9.74 -3.71
N ALA C 152 22.47 -10.33 -4.88
CA ALA C 152 23.74 -10.98 -5.18
C ALA C 152 24.89 -9.98 -5.05
N VAL C 153 24.69 -8.78 -5.59
CA VAL C 153 25.69 -7.73 -5.52
C VAL C 153 26.05 -7.46 -4.06
N ARG C 154 25.04 -7.28 -3.22
CA ARG C 154 25.29 -7.01 -1.80
C ARG C 154 26.13 -8.12 -1.16
N VAL C 155 25.87 -9.37 -1.56
CA VAL C 155 26.60 -10.50 -1.01
C VAL C 155 28.06 -10.48 -1.44
N GLY C 156 28.30 -9.97 -2.65
CA GLY C 156 29.66 -9.90 -3.17
C GLY C 156 30.41 -8.69 -2.64
N GLY C 157 29.74 -7.90 -1.81
CA GLY C 157 30.38 -6.72 -1.24
C GLY C 157 30.02 -5.41 -1.92
N GLY C 158 29.08 -5.46 -2.87
CA GLY C 158 28.68 -4.25 -3.57
C GLY C 158 27.46 -3.59 -2.96
N ARG C 159 27.02 -2.49 -3.57
CA ARG C 159 25.84 -1.76 -3.09
C ARG C 159 24.81 -1.56 -4.20
N ASN C 160 23.57 -1.31 -3.81
CA ASN C 160 22.49 -1.14 -4.77
C ASN C 160 22.13 0.28 -5.13
N HIS C 161 21.92 0.51 -6.43
CA HIS C 161 21.48 1.81 -6.90
C HIS C 161 19.95 1.63 -6.85
N ARG C 162 19.19 2.55 -7.44
CA ARG C 162 17.74 2.46 -7.39
C ARG C 162 17.17 1.16 -7.95
N TYR C 163 16.02 0.75 -7.42
CA TYR C 163 15.36 -0.48 -7.85
C TYR C 163 14.50 -0.32 -9.09
N GLY C 164 14.23 0.92 -9.46
CA GLY C 164 13.42 1.18 -10.65
C GLY C 164 13.34 2.66 -10.95
N LEU C 165 12.37 3.04 -11.78
CA LEU C 165 12.17 4.45 -12.14
C LEU C 165 11.28 5.14 -11.11
N PHE C 166 10.78 4.35 -10.16
CA PHE C 166 9.86 4.86 -9.13
C PHE C 166 10.49 5.31 -7.83
N ASP C 167 11.73 4.90 -7.57
CA ASP C 167 12.35 5.26 -6.31
C ASP C 167 13.59 6.14 -6.39
N GLY C 168 13.83 6.71 -7.57
CA GLY C 168 15.00 7.55 -7.72
C GLY C 168 14.93 8.49 -8.90
N ILE C 169 15.54 9.66 -8.74
CA ILE C 169 15.56 10.65 -9.80
C ILE C 169 16.92 10.61 -10.48
N LEU C 170 16.92 10.28 -11.77
CA LEU C 170 18.15 10.21 -12.53
C LEU C 170 17.88 10.71 -13.95
N LEU C 171 18.31 11.94 -14.22
CA LEU C 171 18.12 12.55 -15.52
C LEU C 171 19.13 11.98 -16.52
N LYS C 172 18.63 11.25 -17.50
CA LYS C 172 19.50 10.65 -18.49
C LYS C 172 19.54 11.46 -19.78
N GLU C 173 20.42 11.07 -20.70
CA GLU C 173 20.59 11.75 -21.96
C GLU C 173 19.25 12.00 -22.66
N ASN C 174 18.42 10.97 -22.72
CA ASN C 174 17.13 11.12 -23.36
C ASN C 174 16.26 12.14 -22.64
N HIS C 175 16.44 12.28 -21.33
CA HIS C 175 15.69 13.27 -20.57
C HIS C 175 16.22 14.65 -20.95
N VAL C 176 17.52 14.83 -20.81
CA VAL C 176 18.17 16.09 -21.14
C VAL C 176 17.71 16.61 -22.50
N ARG C 177 17.83 15.78 -23.53
CA ARG C 177 17.42 16.23 -24.87
C ARG C 177 15.92 16.40 -24.96
N ALA C 178 15.18 15.67 -24.13
CA ALA C 178 13.72 15.80 -24.12
C ALA C 178 13.35 17.14 -23.51
N ALA C 179 14.23 17.66 -22.66
CA ALA C 179 14.01 18.94 -21.99
C ALA C 179 14.65 20.08 -22.78
N GLY C 180 15.94 19.92 -23.08
CA GLY C 180 16.65 20.94 -23.83
C GLY C 180 17.94 21.37 -23.18
N GLY C 181 18.59 20.46 -22.45
CA GLY C 181 19.84 20.80 -21.80
C GLY C 181 19.94 20.30 -20.38
N VAL C 182 21.17 20.18 -19.90
CA VAL C 182 21.43 19.71 -18.54
C VAL C 182 20.92 20.72 -17.52
N GLY C 183 21.02 22.00 -17.87
CA GLY C 183 20.58 23.05 -16.99
C GLY C 183 19.11 22.99 -16.61
N GLU C 184 18.25 23.23 -17.59
CA GLU C 184 16.81 23.22 -17.33
C GLU C 184 16.30 21.89 -16.78
N ALA C 185 16.74 20.79 -17.39
CA ALA C 185 16.31 19.47 -16.95
C ALA C 185 16.54 19.32 -15.45
N VAL C 186 17.68 19.79 -14.97
CA VAL C 186 18.01 19.71 -13.56
C VAL C 186 17.14 20.69 -12.76
N ARG C 187 16.72 21.77 -13.41
CA ARG C 187 15.88 22.76 -12.76
C ARG C 187 14.44 22.27 -12.67
N ARG C 188 13.95 21.66 -13.75
CA ARG C 188 12.59 21.13 -13.77
C ARG C 188 12.44 20.06 -12.69
N ALA C 189 13.50 19.29 -12.49
CA ALA C 189 13.50 18.22 -11.49
C ALA C 189 13.62 18.78 -10.08
N LYS C 190 14.59 19.67 -9.88
CA LYS C 190 14.81 20.27 -8.58
C LYS C 190 13.63 21.14 -8.17
N ALA C 191 12.83 21.57 -9.14
CA ALA C 191 11.68 22.42 -8.90
C ALA C 191 10.49 21.72 -8.25
N ARG C 192 10.28 20.45 -8.56
CA ARG C 192 9.16 19.73 -8.00
C ARG C 192 9.46 18.29 -7.58
N ALA C 193 10.72 18.02 -7.25
CA ALA C 193 11.13 16.69 -6.82
C ALA C 193 10.76 16.45 -5.36
N PRO C 194 10.38 15.20 -5.02
CA PRO C 194 10.04 14.90 -3.63
C PRO C 194 11.16 15.38 -2.73
N HIS C 195 10.81 15.88 -1.56
CA HIS C 195 11.78 16.42 -0.62
C HIS C 195 12.73 15.39 0.00
N TYR C 196 12.39 14.11 -0.15
CA TYR C 196 13.21 13.04 0.41
C TYR C 196 14.11 12.36 -0.63
N LEU C 197 14.12 12.91 -1.84
CA LEU C 197 14.92 12.36 -2.92
C LEU C 197 15.99 13.32 -3.41
N LYS C 198 17.12 12.76 -3.85
CA LYS C 198 18.21 13.56 -4.37
C LYS C 198 18.13 13.56 -5.88
N VAL C 199 18.41 14.70 -6.50
CA VAL C 199 18.36 14.80 -7.94
C VAL C 199 19.72 14.47 -8.54
N GLU C 200 19.74 13.46 -9.40
CA GLU C 200 20.98 13.04 -10.06
C GLU C 200 20.81 13.20 -11.56
N VAL C 201 21.87 13.64 -12.23
CA VAL C 201 21.82 13.84 -13.67
C VAL C 201 23.12 13.34 -14.31
N GLU C 202 22.99 12.76 -15.51
CA GLU C 202 24.16 12.28 -16.21
C GLU C 202 24.59 13.33 -17.23
N VAL C 203 25.88 13.60 -17.30
CA VAL C 203 26.42 14.59 -18.22
C VAL C 203 27.53 13.97 -19.08
N ARG C 204 27.76 14.56 -20.24
CA ARG C 204 28.79 14.05 -21.15
C ARG C 204 29.96 15.01 -21.36
N SER C 205 29.79 16.28 -21.01
CA SER C 205 30.86 17.26 -21.18
C SER C 205 31.00 18.15 -19.94
N LEU C 206 32.20 18.68 -19.73
CA LEU C 206 32.26 19.44 -18.49
C LEU C 206 31.53 20.76 -18.62
N GLU C 207 31.19 21.22 -19.82
CA GLU C 207 30.29 22.36 -19.99
C GLU C 207 28.93 21.97 -19.39
N GLU C 208 28.71 20.67 -19.31
CA GLU C 208 27.46 20.13 -18.76
C GLU C 208 27.60 19.83 -17.27
N LEU C 209 28.83 19.50 -16.83
CA LEU C 209 29.07 19.22 -15.43
C LEU C 209 28.89 20.51 -14.64
N GLU C 210 29.26 21.63 -15.26
CA GLU C 210 29.13 22.94 -14.64
C GLU C 210 27.68 23.38 -14.73
N GLU C 211 27.08 23.12 -15.87
CA GLU C 211 25.69 23.49 -16.13
C GLU C 211 24.77 22.76 -15.16
N ALA C 212 25.31 21.75 -14.48
CA ALA C 212 24.54 20.96 -13.52
C ALA C 212 24.90 21.30 -12.07
N LEU C 213 26.20 21.42 -11.80
CA LEU C 213 26.67 21.71 -10.46
C LEU C 213 26.06 23.02 -9.94
N GLU C 214 25.79 23.97 -10.85
CA GLU C 214 25.18 25.22 -10.35
C GLU C 214 23.67 25.18 -10.54
N ALA C 215 23.20 24.17 -11.31
CA ALA C 215 21.75 24.02 -11.44
C ALA C 215 21.12 23.47 -10.15
N GLY C 216 21.99 23.09 -9.21
CA GLY C 216 21.54 22.57 -7.94
C GLY C 216 21.30 21.07 -7.93
N ALA C 217 22.30 20.30 -8.37
CA ALA C 217 22.18 18.86 -8.40
C ALA C 217 22.78 18.25 -7.14
N ASP C 218 22.17 17.20 -6.64
CA ASP C 218 22.65 16.53 -5.44
C ASP C 218 23.64 15.42 -5.79
N LEU C 219 23.51 14.90 -7.00
CA LEU C 219 24.38 13.84 -7.48
C LEU C 219 24.73 14.06 -8.94
N ILE C 220 25.91 13.60 -9.33
CA ILE C 220 26.36 13.76 -10.71
C ILE C 220 26.91 12.44 -11.26
N LEU C 221 26.43 12.08 -12.45
CA LEU C 221 26.86 10.85 -13.12
C LEU C 221 27.70 11.22 -14.34
N LEU C 222 28.94 10.75 -14.36
CA LEU C 222 29.87 11.03 -15.45
C LEU C 222 29.82 9.92 -16.50
N ASP C 223 29.22 10.22 -17.65
CA ASP C 223 29.08 9.25 -18.73
C ASP C 223 30.20 9.26 -19.77
N ASN C 224 30.99 8.17 -19.79
CA ASN C 224 32.11 8.01 -20.74
C ASN C 224 33.05 9.15 -20.78
N PHE C 225 33.35 9.53 -19.55
CA PHE C 225 34.41 10.54 -19.24
C PHE C 225 35.88 10.18 -19.59
N PRO C 226 36.62 10.93 -20.38
CA PRO C 226 37.99 10.51 -20.56
C PRO C 226 38.76 10.76 -19.22
N LEU C 227 39.68 9.88 -18.85
CA LEU C 227 40.23 10.03 -17.48
C LEU C 227 40.89 11.40 -17.23
N GLU C 228 41.40 12.17 -18.19
CA GLU C 228 41.88 13.52 -17.91
C GLU C 228 40.76 14.37 -17.31
N ALA C 229 39.52 13.96 -17.54
CA ALA C 229 38.37 14.68 -17.01
C ALA C 229 37.85 13.96 -15.77
N LEU C 230 38.00 12.64 -15.75
CA LEU C 230 37.54 11.84 -14.62
C LEU C 230 38.29 12.28 -13.36
N ARG C 231 39.60 12.46 -13.49
CA ARG C 231 40.23 12.85 -12.23
C ARG C 231 40.25 14.37 -12.09
N GLU C 232 39.91 15.11 -13.14
CA GLU C 232 39.72 16.55 -13.03
C GLU C 232 38.41 16.84 -12.30
N ALA C 233 37.33 16.23 -12.77
CA ALA C 233 36.02 16.43 -12.18
C ALA C 233 36.08 16.30 -10.65
N VAL C 234 36.74 15.21 -10.12
CA VAL C 234 36.78 15.15 -8.63
C VAL C 234 37.43 16.35 -8.08
N ARG C 235 38.42 16.88 -8.82
CA ARG C 235 39.11 18.05 -8.32
C ARG C 235 38.22 19.30 -8.31
N ARG C 236 37.51 19.52 -9.41
CA ARG C 236 36.63 20.68 -9.56
C ARG C 236 35.40 20.62 -8.65
N VAL C 237 35.12 19.44 -8.09
CA VAL C 237 33.96 19.26 -7.22
C VAL C 237 34.36 19.35 -5.74
N GLY C 238 35.63 19.09 -5.45
CA GLY C 238 36.10 19.16 -4.08
C GLY C 238 35.29 18.32 -3.11
N GLY C 239 34.60 17.31 -3.62
CA GLY C 239 33.81 16.44 -2.77
C GLY C 239 32.60 17.12 -2.17
N ARG C 240 31.94 17.96 -2.95
CA ARG C 240 30.76 18.68 -2.47
C ARG C 240 29.50 17.84 -2.70
N VAL C 241 29.46 17.17 -3.85
CA VAL C 241 28.33 16.30 -4.20
C VAL C 241 28.89 14.97 -4.69
N PRO C 242 28.32 13.85 -4.21
CA PRO C 242 28.81 12.53 -4.63
C PRO C 242 29.06 12.45 -6.13
N LEU C 243 30.10 11.71 -6.50
CA LEU C 243 30.47 11.54 -7.89
C LEU C 243 30.32 10.08 -8.28
N GLU C 244 29.64 9.82 -9.39
CA GLU C 244 29.42 8.46 -9.86
C GLU C 244 29.85 8.31 -11.32
N ALA C 245 30.85 7.45 -11.55
CA ALA C 245 31.36 7.22 -12.91
C ALA C 245 30.54 6.15 -13.63
N SER C 246 30.19 6.43 -14.89
CA SER C 246 29.40 5.49 -15.67
C SER C 246 29.90 5.35 -17.10
N GLY C 247 29.49 4.27 -17.75
CA GLY C 247 29.89 3.99 -19.12
C GLY C 247 30.42 2.58 -19.22
N ASN C 248 31.40 2.37 -20.10
CA ASN C 248 31.99 1.04 -20.25
C ASN C 248 32.95 0.80 -19.09
N MET C 249 32.40 0.60 -17.90
CA MET C 249 33.21 0.38 -16.71
C MET C 249 33.78 -1.03 -16.61
N THR C 250 34.98 -1.22 -17.13
CA THR C 250 35.65 -2.51 -17.08
C THR C 250 36.38 -2.59 -15.74
N LEU C 251 37.03 -3.70 -15.46
CA LEU C 251 37.75 -3.85 -14.21
C LEU C 251 38.86 -2.82 -14.06
N GLU C 252 39.37 -2.34 -15.20
CA GLU C 252 40.44 -1.35 -15.18
C GLU C 252 39.88 0.07 -15.11
N ARG C 253 38.91 0.36 -15.95
CA ARG C 253 38.30 1.69 -15.97
C ARG C 253 37.50 1.95 -14.70
N ALA C 254 37.30 0.90 -13.92
CA ALA C 254 36.57 1.01 -12.67
C ALA C 254 37.54 1.30 -11.53
N LYS C 255 38.57 0.48 -11.41
CA LYS C 255 39.58 0.67 -10.37
C LYS C 255 40.24 2.02 -10.61
N ALA C 256 40.26 2.44 -11.87
CA ALA C 256 40.87 3.71 -12.24
C ALA C 256 40.05 4.84 -11.64
N ALA C 257 38.75 4.81 -11.84
CA ALA C 257 37.86 5.84 -11.31
C ALA C 257 38.04 5.91 -9.80
N ALA C 258 38.14 4.74 -9.17
CA ALA C 258 38.33 4.66 -7.72
C ALA C 258 39.66 5.33 -7.37
N GLU C 259 40.63 5.22 -8.26
CA GLU C 259 41.95 5.83 -8.06
C GLU C 259 41.79 7.33 -8.25
N ALA C 260 40.98 7.71 -9.23
CA ALA C 260 40.73 9.12 -9.51
C ALA C 260 40.05 9.78 -8.32
N GLY C 261 39.43 8.96 -7.46
CA GLY C 261 38.78 9.49 -6.27
C GLY C 261 37.26 9.49 -6.22
N VAL C 262 36.61 8.98 -7.26
CA VAL C 262 35.14 8.96 -7.28
C VAL C 262 34.58 8.31 -6.02
N ASP C 263 33.30 8.59 -5.74
CA ASP C 263 32.66 8.03 -4.56
C ASP C 263 31.97 6.71 -4.88
N TYR C 264 31.44 6.60 -6.09
CA TYR C 264 30.76 5.39 -6.51
C TYR C 264 31.04 5.03 -7.97
N VAL C 265 31.10 3.72 -8.23
CA VAL C 265 31.31 3.22 -9.58
C VAL C 265 30.23 2.20 -9.86
N SER C 266 29.28 2.54 -10.71
CA SER C 266 28.19 1.64 -11.07
C SER C 266 28.56 0.81 -12.29
N VAL C 267 28.63 -0.50 -12.09
CA VAL C 267 29.00 -1.44 -13.16
C VAL C 267 27.79 -2.20 -13.70
N GLY C 268 27.35 -1.81 -14.89
CA GLY C 268 26.21 -2.47 -15.50
C GLY C 268 26.55 -3.85 -16.04
N ALA C 269 27.82 -4.21 -15.98
CA ALA C 269 28.27 -5.51 -16.46
C ALA C 269 28.13 -6.57 -15.36
N LEU C 270 27.88 -6.10 -14.13
CA LEU C 270 27.73 -7.00 -12.99
C LEU C 270 26.54 -7.94 -13.17
N THR C 271 25.60 -7.56 -14.03
CA THR C 271 24.40 -8.37 -14.25
C THR C 271 24.01 -8.43 -15.73
N HIS C 272 24.76 -7.76 -16.59
CA HIS C 272 24.45 -7.75 -18.01
C HIS C 272 25.42 -8.62 -18.80
N SER C 273 26.44 -9.13 -18.12
CA SER C 273 27.44 -10.00 -18.74
C SER C 273 28.29 -10.63 -17.65
N ALA C 274 27.64 -11.44 -16.80
CA ALA C 274 28.32 -12.13 -15.70
C ALA C 274 28.05 -13.63 -15.81
N LYS C 275 29.09 -14.39 -16.08
CA LYS C 275 28.97 -15.84 -16.22
C LYS C 275 28.64 -16.55 -14.92
N ALA C 276 27.78 -17.57 -14.99
CA ALA C 276 27.37 -18.33 -13.83
C ALA C 276 28.52 -19.12 -13.23
N LEU C 277 28.48 -19.32 -11.91
CA LEU C 277 29.52 -20.08 -11.22
C LEU C 277 29.20 -21.56 -11.36
N ASP C 278 30.09 -22.29 -12.03
CA ASP C 278 29.90 -23.71 -12.25
C ASP C 278 29.66 -24.47 -10.95
N LEU C 279 28.44 -24.97 -10.79
CA LEU C 279 28.06 -25.72 -9.60
C LEU C 279 27.30 -26.98 -10.03
N SER C 280 27.23 -27.96 -9.14
CA SER C 280 26.52 -29.21 -9.45
C SER C 280 25.98 -29.91 -8.21
N LEU C 281 24.97 -30.75 -8.43
CA LEU C 281 24.36 -31.51 -7.35
C LEU C 281 24.57 -32.98 -7.67
N LEU C 282 25.27 -33.68 -6.78
CA LEU C 282 25.55 -35.10 -6.98
C LEU C 282 24.94 -35.98 -5.91
N VAL C 283 24.20 -36.99 -6.34
CA VAL C 283 23.57 -37.93 -5.40
C VAL C 283 24.66 -38.83 -4.85
N VAL C 284 24.75 -38.89 -3.52
CA VAL C 284 25.76 -39.72 -2.87
C VAL C 284 25.15 -40.95 -2.21
N ARG C 285 23.83 -41.04 -2.28
CA ARG C 285 23.13 -42.16 -1.68
C ARG C 285 21.66 -42.15 -2.09
N PRO C 286 21.22 -43.20 -2.82
CA PRO C 286 21.99 -44.37 -3.28
C PRO C 286 23.24 -44.00 -4.05
#